data_1UZR
#
_entry.id   1UZR
#
_cell.length_a   161.492
_cell.length_b   161.492
_cell.length_c   115.530
_cell.angle_alpha   90.00
_cell.angle_beta   90.00
_cell.angle_gamma   90.00
#
_symmetry.space_group_name_H-M   'P 42 21 2'
#
loop_
_entity.id
_entity.type
_entity.pdbx_description
1 polymer 'RIBONUCLEOTIDE REDUCTASE R2-2 SMALL SUBUNIT'
2 non-polymer 'FE (III) ION'
3 non-polymer 'CITRIC ACID'
4 non-polymer GLYCEROL
5 water water
#
_entity_poly.entity_id   1
_entity_poly.type   'polypeptide(L)'
_entity_poly.pdbx_seq_one_letter_code
;MTGNAKLIDRVSAINWNRLQDEKDAEVWDRLTGNFWLPEKVPVSNDIPSWGTLTAGEKQLTMRVFTGLTMLDTIQGTVGA
VSLIPDALTPHEEAVLTNIAFMESVHAKSYSQIFSTLCSTAEIDDAFRWSEENRNLQRKAEIVLQSYRGDEPLKRKVAST
LLESFLFYSGFYLPMYWSSRAKLTNTADMIRLIIRDEAVHGYYIGYKFQRGLALVDDVTRAELKDYTYELLFELYDNEVE
YTQDLYDEVGLTEDVKKFLRYNANKALMNLGYEALFPRDETDVNPAILSALSPNAD
;
_entity_poly.pdbx_strand_id   A,B,C
#
loop_
_chem_comp.id
_chem_comp.type
_chem_comp.name
_chem_comp.formula
CIT non-polymer 'CITRIC ACID' 'C6 H8 O7'
FE non-polymer 'FE (III) ION' 'Fe 3'
GOL non-polymer GLYCEROL 'C3 H8 O3'
#
# COMPACT_ATOMS: atom_id res chain seq x y z
N ARG A 10 14.62 -15.42 -16.38
CA ARG A 10 14.19 -16.84 -16.72
C ARG A 10 12.71 -17.20 -16.31
N VAL A 11 11.84 -17.55 -17.28
CA VAL A 11 10.39 -17.73 -16.96
C VAL A 11 9.84 -19.11 -17.38
N SER A 12 9.39 -19.90 -16.38
CA SER A 12 8.86 -21.28 -16.56
C SER A 12 7.40 -21.18 -16.99
N ALA A 13 6.96 -22.05 -17.86
CA ALA A 13 5.52 -22.18 -18.21
C ALA A 13 4.73 -22.53 -16.98
N ILE A 14 3.63 -21.83 -16.71
CA ILE A 14 2.76 -22.21 -15.64
C ILE A 14 1.98 -23.51 -15.89
N ASN A 15 1.94 -24.33 -14.83
CA ASN A 15 1.24 -25.60 -14.80
C ASN A 15 0.15 -25.51 -13.75
N TRP A 16 -1.10 -25.36 -14.20
CA TRP A 16 -2.21 -25.27 -13.28
C TRP A 16 -2.64 -26.65 -12.72
N ASN A 17 -2.08 -27.74 -13.24
CA ASN A 17 -2.33 -29.08 -12.68
C ASN A 17 -1.43 -29.49 -11.50
N ARG A 18 -0.47 -28.66 -11.09
CA ARG A 18 0.22 -28.84 -9.83
C ARG A 18 0.30 -27.45 -9.16
N LEU A 19 -0.28 -27.38 -7.97
CA LEU A 19 -0.40 -26.14 -7.24
C LEU A 19 0.45 -26.23 -5.94
N GLN A 20 1.45 -25.37 -5.76
CA GLN A 20 2.14 -25.30 -4.49
C GLN A 20 1.14 -24.87 -3.43
N ASP A 21 0.20 -23.99 -3.79
CA ASP A 21 -0.81 -23.52 -2.88
C ASP A 21 -2.14 -23.38 -3.57
N GLU A 22 -3.06 -24.30 -3.29
CA GLU A 22 -4.44 -24.30 -3.85
C GLU A 22 -5.18 -23.01 -3.62
N LYS A 23 -4.84 -22.30 -2.54
CA LYS A 23 -5.45 -20.98 -2.32
C LYS A 23 -5.39 -20.08 -3.57
N ASP A 24 -4.29 -20.14 -4.31
CA ASP A 24 -4.18 -19.40 -5.55
C ASP A 24 -5.30 -19.74 -6.56
N ALA A 25 -5.62 -21.02 -6.69
CA ALA A 25 -6.66 -21.43 -7.64
C ALA A 25 -8.05 -21.11 -7.08
N GLU A 26 -8.26 -21.16 -5.76
CA GLU A 26 -9.58 -20.74 -5.22
C GLU A 26 -9.79 -19.24 -5.43
N VAL A 27 -8.74 -18.45 -5.26
CA VAL A 27 -8.88 -17.03 -5.42
C VAL A 27 -9.09 -16.68 -6.90
N TRP A 28 -8.26 -17.23 -7.77
CA TRP A 28 -8.48 -17.11 -9.21
C TRP A 28 -9.97 -17.41 -9.57
N ASP A 29 -10.49 -18.53 -9.06
CA ASP A 29 -11.86 -18.99 -9.45
C ASP A 29 -12.92 -18.00 -9.01
N ARG A 30 -12.74 -17.50 -7.79
CA ARG A 30 -13.66 -16.51 -7.23
C ARG A 30 -13.61 -15.11 -7.95
N LEU A 31 -12.41 -14.60 -8.21
CA LEU A 31 -12.25 -13.30 -8.90
C LEU A 31 -12.73 -13.35 -10.36
N THR A 32 -12.35 -14.39 -11.09
CA THR A 32 -12.74 -14.51 -12.50
C THR A 32 -14.23 -14.84 -12.63
N GLY A 33 -14.75 -15.65 -11.73
CA GLY A 33 -16.17 -15.91 -11.67
C GLY A 33 -17.01 -14.71 -11.27
N ASN A 34 -16.41 -13.68 -10.70
CA ASN A 34 -17.12 -12.48 -10.36
C ASN A 34 -16.88 -11.39 -11.40
N PHE A 35 -16.40 -11.74 -12.56
CA PHE A 35 -16.17 -10.74 -13.58
C PHE A 35 -17.42 -9.92 -13.85
N TRP A 36 -17.27 -8.59 -14.03
CA TRP A 36 -18.34 -7.64 -14.33
C TRP A 36 -17.73 -6.43 -14.97
N LEU A 37 -18.58 -5.64 -15.62
CA LEU A 37 -18.20 -4.40 -16.28
C LEU A 37 -19.27 -3.44 -15.91
N PRO A 38 -18.93 -2.17 -15.80
CA PRO A 38 -19.83 -1.14 -15.29
C PRO A 38 -21.16 -0.96 -16.05
N GLU A 39 -21.17 -1.21 -17.36
CA GLU A 39 -22.37 -1.00 -18.21
C GLU A 39 -23.51 -1.96 -17.82
N LYS A 40 -23.20 -3.08 -17.19
CA LYS A 40 -24.23 -3.99 -16.75
C LYS A 40 -25.12 -3.41 -15.60
N VAL A 41 -24.73 -2.30 -14.96
CA VAL A 41 -25.50 -1.76 -13.84
C VAL A 41 -26.19 -0.49 -14.29
N PRO A 42 -27.53 -0.43 -14.18
CA PRO A 42 -28.22 0.72 -14.78
C PRO A 42 -28.33 1.85 -13.78
N VAL A 43 -27.41 2.79 -13.87
CA VAL A 43 -27.41 3.92 -12.97
C VAL A 43 -28.44 4.99 -13.33
N SER A 44 -29.02 4.92 -14.51
CA SER A 44 -29.90 6.00 -14.97
C SER A 44 -31.16 6.10 -14.14
N ASN A 45 -31.58 5.01 -13.48
CA ASN A 45 -32.66 5.07 -12.55
C ASN A 45 -32.37 5.85 -11.26
N ASP A 46 -31.11 6.28 -11.07
CA ASP A 46 -30.80 7.10 -9.90
C ASP A 46 -30.93 8.56 -10.24
N ILE A 47 -31.17 8.90 -11.53
CA ILE A 47 -31.26 10.32 -11.92
C ILE A 47 -32.23 11.13 -11.01
N PRO A 48 -33.45 10.65 -10.75
CA PRO A 48 -34.38 11.38 -9.86
C PRO A 48 -33.84 11.49 -8.41
N SER A 49 -33.40 10.38 -7.84
CA SER A 49 -32.76 10.37 -6.51
C SER A 49 -31.61 11.42 -6.38
N TRP A 50 -30.78 11.47 -7.39
CA TRP A 50 -29.67 12.38 -7.47
C TRP A 50 -30.11 13.82 -7.38
N GLY A 51 -31.27 14.15 -7.97
CA GLY A 51 -31.81 15.50 -7.87
C GLY A 51 -32.26 15.93 -6.49
N THR A 52 -32.42 14.96 -5.57
CA THR A 52 -32.77 15.25 -4.18
C THR A 52 -31.62 15.62 -3.29
N LEU A 53 -30.38 15.50 -3.75
CA LEU A 53 -29.23 16.01 -2.97
C LEU A 53 -28.99 17.50 -3.09
N THR A 54 -28.46 18.09 -2.02
CA THR A 54 -27.92 19.46 -2.06
C THR A 54 -26.69 19.52 -2.97
N ALA A 55 -26.26 20.71 -3.36
CA ALA A 55 -25.06 20.83 -4.22
C ALA A 55 -23.86 20.30 -3.44
N GLY A 56 -23.86 20.57 -2.14
CA GLY A 56 -22.85 20.09 -1.20
C GLY A 56 -22.74 18.56 -1.17
N GLU A 57 -23.87 17.89 -1.10
CA GLU A 57 -23.93 16.44 -1.00
C GLU A 57 -23.49 15.83 -2.31
N LYS A 58 -23.84 16.51 -3.42
CA LYS A 58 -23.36 16.06 -4.73
C LYS A 58 -21.82 16.22 -4.87
N GLN A 59 -21.33 17.40 -4.59
CA GLN A 59 -19.91 17.64 -4.53
C GLN A 59 -19.17 16.62 -3.64
N LEU A 60 -19.69 16.38 -2.42
CA LEU A 60 -19.05 15.41 -1.51
C LEU A 60 -18.96 14.02 -2.19
N THR A 61 -20.06 13.59 -2.82
CA THR A 61 -20.10 12.30 -3.46
C THR A 61 -19.13 12.19 -4.64
N MET A 62 -19.05 13.23 -5.45
CA MET A 62 -18.15 13.18 -6.58
C MET A 62 -16.71 13.21 -6.15
N ARG A 63 -16.37 14.01 -5.14
CA ARG A 63 -15.02 14.09 -4.59
C ARG A 63 -14.60 12.73 -4.01
N VAL A 64 -15.43 12.11 -3.19
CA VAL A 64 -15.16 10.82 -2.66
C VAL A 64 -14.89 9.78 -3.78
N PHE A 65 -15.80 9.69 -4.76
CA PHE A 65 -15.61 8.83 -5.93
C PHE A 65 -14.30 9.08 -6.72
N THR A 66 -13.89 10.34 -6.86
CA THR A 66 -12.69 10.69 -7.58
C THR A 66 -11.44 10.25 -6.79
N GLY A 67 -11.50 10.31 -5.47
CA GLY A 67 -10.43 9.82 -4.63
C GLY A 67 -10.30 8.33 -4.82
N LEU A 68 -11.43 7.61 -4.83
CA LEU A 68 -11.41 6.21 -4.99
C LEU A 68 -10.89 5.80 -6.39
N THR A 69 -11.29 6.54 -7.42
CA THR A 69 -10.79 6.36 -8.75
C THR A 69 -9.28 6.46 -8.80
N MET A 70 -8.77 7.45 -8.08
CA MET A 70 -7.33 7.63 -8.00
C MET A 70 -6.62 6.39 -7.42
N LEU A 71 -7.13 5.86 -6.32
CA LEU A 71 -6.53 4.74 -5.65
C LEU A 71 -6.62 3.47 -6.54
N ASP A 72 -7.75 3.25 -7.24
CA ASP A 72 -7.87 2.16 -8.20
C ASP A 72 -6.94 2.31 -9.43
N THR A 73 -6.74 3.53 -9.91
CA THR A 73 -5.78 3.79 -10.93
C THR A 73 -4.37 3.40 -10.44
N ILE A 74 -4.02 3.80 -9.23
CA ILE A 74 -2.72 3.45 -8.64
C ILE A 74 -2.61 1.93 -8.44
N GLN A 75 -3.64 1.32 -7.91
CA GLN A 75 -3.58 -0.11 -7.57
C GLN A 75 -3.53 -0.98 -8.85
N GLY A 76 -4.25 -0.62 -9.91
CA GLY A 76 -4.26 -1.40 -11.15
C GLY A 76 -2.97 -1.29 -11.95
N THR A 77 -2.44 -0.09 -12.00
CA THR A 77 -1.44 0.29 -12.93
C THR A 77 -0.02 0.24 -12.29
N VAL A 78 0.04 0.36 -10.97
CA VAL A 78 1.31 0.29 -10.25
C VAL A 78 1.26 -0.77 -9.16
N GLY A 79 0.26 -0.74 -8.29
CA GLY A 79 0.24 -1.62 -7.13
C GLY A 79 0.27 -3.13 -7.40
N ALA A 80 -0.73 -3.62 -8.12
CA ALA A 80 -0.81 -5.03 -8.35
C ALA A 80 0.35 -5.53 -9.16
N VAL A 81 0.80 -4.72 -10.12
CA VAL A 81 1.86 -5.16 -10.99
C VAL A 81 3.21 -5.15 -10.20
N SER A 82 3.38 -4.20 -9.29
CA SER A 82 4.58 -4.16 -8.43
C SER A 82 4.71 -5.42 -7.57
N LEU A 83 3.60 -6.11 -7.33
CA LEU A 83 3.60 -7.32 -6.52
C LEU A 83 4.01 -8.60 -7.29
N ILE A 84 4.00 -8.55 -8.61
CA ILE A 84 4.23 -9.71 -9.42
C ILE A 84 5.63 -10.30 -9.27
N PRO A 85 6.73 -9.52 -9.24
CA PRO A 85 8.07 -10.14 -9.00
C PRO A 85 8.20 -10.77 -7.63
N ASP A 86 7.29 -10.51 -6.69
CA ASP A 86 7.53 -11.01 -5.33
C ASP A 86 6.64 -12.21 -5.05
N ALA A 87 6.01 -12.73 -6.10
CA ALA A 87 5.11 -13.82 -5.96
C ALA A 87 5.81 -15.06 -5.42
N LEU A 88 5.14 -15.84 -4.59
CA LEU A 88 5.70 -17.17 -4.15
C LEU A 88 5.45 -18.28 -5.16
N THR A 89 4.37 -18.14 -5.93
CA THR A 89 4.01 -19.11 -6.95
C THR A 89 3.65 -18.46 -8.28
N PRO A 90 3.75 -19.21 -9.36
CA PRO A 90 3.34 -18.69 -10.67
C PRO A 90 1.85 -18.35 -10.71
N HIS A 91 1.05 -19.12 -9.99
CA HIS A 91 -0.40 -18.99 -9.98
C HIS A 91 -0.78 -17.66 -9.31
N GLU A 92 -0.02 -17.30 -8.29
CA GLU A 92 -0.16 -15.97 -7.68
C GLU A 92 0.11 -14.83 -8.68
N GLU A 93 1.14 -14.96 -9.51
CA GLU A 93 1.38 -13.95 -10.52
C GLU A 93 0.15 -13.86 -11.42
N ALA A 94 -0.49 -14.99 -11.75
CA ALA A 94 -1.65 -14.95 -12.65
C ALA A 94 -2.80 -14.21 -12.00
N VAL A 95 -3.02 -14.48 -10.70
CA VAL A 95 -4.07 -13.85 -9.95
C VAL A 95 -3.89 -12.35 -9.94
N LEU A 96 -2.61 -11.93 -9.83
CA LEU A 96 -2.28 -10.53 -9.73
C LEU A 96 -2.59 -9.81 -11.06
N THR A 97 -2.48 -10.49 -12.21
CA THR A 97 -2.92 -9.89 -13.46
C THR A 97 -4.43 -9.64 -13.49
N ASN A 98 -5.18 -10.52 -12.84
CA ASN A 98 -6.60 -10.35 -12.72
C ASN A 98 -6.92 -9.19 -11.85
N ILE A 99 -6.21 -9.07 -10.74
CA ILE A 99 -6.48 -8.02 -9.80
C ILE A 99 -6.19 -6.66 -10.51
N ALA A 100 -5.10 -6.57 -11.26
CA ALA A 100 -4.73 -5.32 -11.94
C ALA A 100 -5.81 -4.88 -12.94
N PHE A 101 -6.25 -5.82 -13.77
CA PHE A 101 -7.41 -5.62 -14.66
C PHE A 101 -8.69 -5.13 -13.92
N MET A 102 -9.08 -5.82 -12.87
CA MET A 102 -10.27 -5.47 -12.19
C MET A 102 -10.17 -4.15 -11.49
N GLU A 103 -8.97 -3.74 -11.05
CA GLU A 103 -8.81 -2.38 -10.58
C GLU A 103 -9.06 -1.38 -11.71
N SER A 104 -8.62 -1.65 -12.91
CA SER A 104 -8.93 -0.72 -14.01
C SER A 104 -10.45 -0.67 -14.24
N VAL A 105 -11.15 -1.80 -14.10
CA VAL A 105 -12.62 -1.82 -14.21
C VAL A 105 -13.25 -0.98 -13.09
N HIS A 106 -12.75 -1.12 -11.86
CA HIS A 106 -13.30 -0.36 -10.74
C HIS A 106 -13.19 1.13 -11.05
N ALA A 107 -12.02 1.55 -11.49
CA ALA A 107 -11.77 2.93 -11.79
C ALA A 107 -12.74 3.45 -12.88
N LYS A 108 -12.89 2.63 -13.93
CA LYS A 108 -13.81 2.96 -15.00
C LYS A 108 -15.26 3.12 -14.54
N SER A 109 -15.66 2.35 -13.55
CA SER A 109 -17.02 2.34 -13.10
C SER A 109 -17.43 3.70 -12.52
N TYR A 110 -16.49 4.37 -11.86
CA TYR A 110 -16.80 5.69 -11.35
C TYR A 110 -17.05 6.62 -12.52
N SER A 111 -16.32 6.47 -13.62
CA SER A 111 -16.60 7.30 -14.80
C SER A 111 -17.99 7.00 -15.36
N GLN A 112 -18.44 5.78 -15.30
CA GLN A 112 -19.77 5.44 -15.80
C GLN A 112 -20.87 6.13 -14.99
N ILE A 113 -20.73 6.16 -13.66
CA ILE A 113 -21.65 6.86 -12.76
C ILE A 113 -21.70 8.33 -13.11
N PHE A 114 -20.52 8.92 -13.32
CA PHE A 114 -20.42 10.32 -13.50
C PHE A 114 -21.06 10.72 -14.85
N SER A 115 -20.88 9.87 -15.86
CA SER A 115 -21.35 10.23 -17.19
C SER A 115 -22.88 10.16 -17.25
N THR A 116 -23.50 9.27 -16.51
CA THR A 116 -24.94 9.22 -16.35
C THR A 116 -25.58 10.32 -15.53
N LEU A 117 -24.93 10.74 -14.45
CA LEU A 117 -25.59 11.61 -13.48
C LEU A 117 -25.10 13.04 -13.53
N CYS A 118 -23.87 13.27 -13.98
CA CYS A 118 -23.26 14.55 -13.75
C CYS A 118 -22.94 15.29 -15.04
N SER A 119 -22.73 16.59 -14.89
CA SER A 119 -22.38 17.48 -15.97
C SER A 119 -20.88 17.44 -16.17
N THR A 120 -20.47 17.86 -17.35
CA THR A 120 -19.06 17.96 -17.64
C THR A 120 -18.35 18.89 -16.70
N ALA A 121 -18.98 19.99 -16.35
CA ALA A 121 -18.29 20.96 -15.52
C ALA A 121 -18.12 20.41 -14.07
N GLU A 122 -19.08 19.67 -13.56
CA GLU A 122 -18.98 19.02 -12.24
C GLU A 122 -17.88 17.94 -12.24
N ILE A 123 -17.76 17.20 -13.34
CA ILE A 123 -16.76 16.13 -13.46
C ILE A 123 -15.39 16.75 -13.42
N ASP A 124 -15.17 17.78 -14.24
CA ASP A 124 -13.91 18.49 -14.23
C ASP A 124 -13.59 19.13 -12.87
N ASP A 125 -14.61 19.63 -12.14
CA ASP A 125 -14.33 20.26 -10.84
C ASP A 125 -13.76 19.18 -9.91
N ALA A 126 -14.37 18.00 -9.95
CA ALA A 126 -14.00 16.91 -9.08
C ALA A 126 -12.58 16.39 -9.38
N PHE A 127 -12.26 16.20 -10.66
CA PHE A 127 -10.91 15.77 -11.04
C PHE A 127 -9.89 16.83 -10.65
N ARG A 128 -10.22 18.13 -10.80
CA ARG A 128 -9.30 19.18 -10.35
C ARG A 128 -9.11 19.21 -8.84
N TRP A 129 -10.18 19.00 -8.09
CA TRP A 129 -10.04 18.92 -6.64
C TRP A 129 -9.05 17.78 -6.31
N SER A 130 -9.19 16.64 -6.97
CA SER A 130 -8.33 15.46 -6.72
C SER A 130 -6.84 15.74 -7.00
N GLU A 131 -6.53 16.61 -7.95
CA GLU A 131 -5.16 16.95 -8.26
C GLU A 131 -4.59 17.84 -7.19
N GLU A 132 -5.45 18.64 -6.57
CA GLU A 132 -5.01 19.68 -5.68
C GLU A 132 -5.09 19.32 -4.24
N ASN A 133 -5.91 18.35 -3.85
CA ASN A 133 -6.18 18.16 -2.43
C ASN A 133 -4.98 17.52 -1.72
N ARG A 134 -4.48 18.13 -0.65
CA ARG A 134 -3.20 17.64 -0.14
C ARG A 134 -3.26 16.27 0.61
N ASN A 135 -4.38 15.96 1.25
CA ASN A 135 -4.52 14.67 1.85
C ASN A 135 -4.65 13.49 0.88
N LEU A 136 -5.30 13.72 -0.25
CA LEU A 136 -5.38 12.74 -1.30
C LEU A 136 -4.01 12.55 -1.95
N GLN A 137 -3.28 13.62 -2.24
CA GLN A 137 -1.95 13.52 -2.81
C GLN A 137 -1.02 12.82 -1.86
N ARG A 138 -1.11 13.12 -0.58
CA ARG A 138 -0.27 12.49 0.42
C ARG A 138 -0.53 10.98 0.56
N LYS A 139 -1.78 10.56 0.58
CA LYS A 139 -2.07 9.12 0.63
C LYS A 139 -1.49 8.41 -0.62
N ALA A 140 -1.59 9.07 -1.76
CA ALA A 140 -1.11 8.51 -2.96
C ALA A 140 0.42 8.38 -2.89
N GLU A 141 1.13 9.40 -2.43
CA GLU A 141 2.56 9.31 -2.35
C GLU A 141 3.11 8.32 -1.32
N ILE A 142 2.41 8.16 -0.21
CA ILE A 142 2.85 7.19 0.79
C ILE A 142 2.78 5.79 0.19
N VAL A 143 1.68 5.44 -0.48
CA VAL A 143 1.65 4.09 -1.07
C VAL A 143 2.54 3.90 -2.31
N LEU A 144 2.60 4.88 -3.19
CA LEU A 144 3.48 4.78 -4.36
C LEU A 144 4.95 4.62 -3.95
N GLN A 145 5.40 5.27 -2.89
CA GLN A 145 6.79 5.17 -2.44
C GLN A 145 7.08 3.75 -1.99
N SER A 146 6.13 3.12 -1.32
CA SER A 146 6.27 1.75 -0.89
C SER A 146 6.24 0.76 -2.09
N TYR A 147 5.32 0.99 -3.00
CA TYR A 147 5.25 0.17 -4.18
C TYR A 147 6.50 0.26 -5.04
N ARG A 148 7.12 1.43 -5.10
CA ARG A 148 8.29 1.62 -5.99
C ARG A 148 9.61 1.34 -5.23
N GLY A 149 9.54 1.02 -3.95
CA GLY A 149 10.72 0.76 -3.12
C GLY A 149 11.26 -0.67 -3.32
N ASP A 150 12.19 -1.09 -2.46
CA ASP A 150 12.85 -2.38 -2.70
C ASP A 150 12.63 -3.39 -1.53
N GLU A 151 11.50 -3.22 -0.81
CA GLU A 151 11.14 -4.03 0.36
C GLU A 151 9.77 -4.65 0.12
N PRO A 152 9.76 -5.94 -0.30
CA PRO A 152 8.52 -6.66 -0.65
C PRO A 152 7.44 -6.79 0.42
N LEU A 153 7.81 -7.07 1.66
CA LEU A 153 6.82 -7.28 2.68
C LEU A 153 6.18 -5.94 3.05
N LYS A 154 6.95 -4.86 3.05
CA LYS A 154 6.43 -3.52 3.28
C LYS A 154 5.43 -3.15 2.19
N ARG A 155 5.71 -3.58 0.98
CA ARG A 155 4.85 -3.28 -0.13
C ARG A 155 3.49 -3.99 0.06
N LYS A 156 3.50 -5.17 0.62
CA LYS A 156 2.28 -5.88 0.90
C LYS A 156 1.53 -5.24 2.01
N VAL A 157 2.24 -4.67 3.00
CA VAL A 157 1.55 -3.97 4.09
C VAL A 157 0.80 -2.79 3.50
N ALA A 158 1.49 -2.03 2.66
CA ALA A 158 0.91 -0.83 2.09
C ALA A 158 -0.32 -1.20 1.23
N SER A 159 -0.20 -2.27 0.46
CA SER A 159 -1.24 -2.67 -0.48
C SER A 159 -2.47 -3.16 0.29
N THR A 160 -2.26 -3.92 1.35
CA THR A 160 -3.38 -4.32 2.23
C THR A 160 -4.05 -3.16 2.94
N LEU A 161 -3.28 -2.17 3.36
CA LEU A 161 -3.88 -1.01 4.04
C LEU A 161 -4.67 -0.21 2.98
N LEU A 162 -4.17 -0.18 1.75
CA LEU A 162 -4.87 0.47 0.68
C LEU A 162 -6.18 -0.23 0.40
N GLU A 163 -6.19 -1.55 0.20
CA GLU A 163 -7.43 -2.27 -0.14
C GLU A 163 -8.45 -2.28 1.03
N SER A 164 -7.97 -2.69 2.22
CA SER A 164 -8.82 -2.86 3.37
C SER A 164 -9.07 -1.66 4.28
N PHE A 165 -8.28 -0.62 4.18
CA PHE A 165 -8.49 0.55 5.00
C PHE A 165 -8.83 1.86 4.20
N LEU A 166 -8.01 2.28 3.27
CA LEU A 166 -8.27 3.48 2.49
C LEU A 166 -9.52 3.34 1.57
N PHE A 167 -9.62 2.28 0.78
CA PHE A 167 -10.72 2.12 -0.17
C PHE A 167 -12.02 1.95 0.53
N TYR A 168 -12.04 0.89 1.33
CA TYR A 168 -13.19 0.57 2.15
C TYR A 168 -13.74 1.74 2.87
N SER A 169 -12.88 2.66 3.31
CA SER A 169 -13.43 3.81 4.00
C SER A 169 -14.27 4.67 3.13
N GLY A 170 -13.98 4.76 1.81
CA GLY A 170 -14.74 5.59 0.87
C GLY A 170 -16.06 4.96 0.46
N PHE A 171 -16.24 3.71 0.81
CA PHE A 171 -17.53 3.09 0.61
C PHE A 171 -18.58 3.55 1.60
N TYR A 172 -18.20 4.39 2.58
CA TYR A 172 -19.17 4.81 3.59
C TYR A 172 -20.35 5.52 2.94
N LEU A 173 -20.05 6.45 2.08
CA LEU A 173 -21.03 7.37 1.51
C LEU A 173 -22.07 6.68 0.65
N PRO A 174 -21.67 5.86 -0.32
CA PRO A 174 -22.69 5.14 -1.09
C PRO A 174 -23.57 4.20 -0.25
N MET A 175 -23.03 3.68 0.84
CA MET A 175 -23.84 2.87 1.73
C MET A 175 -24.76 3.73 2.64
N TYR A 176 -24.27 4.89 3.02
CA TYR A 176 -25.13 5.91 3.64
C TYR A 176 -26.33 6.25 2.74
N TRP A 177 -26.09 6.56 1.48
CA TRP A 177 -27.21 6.94 0.62
C TRP A 177 -28.18 5.79 0.44
N SER A 178 -27.64 4.59 0.32
CA SER A 178 -28.43 3.37 0.12
C SER A 178 -29.32 3.10 1.36
N SER A 179 -28.80 3.39 2.55
CA SER A 179 -29.56 3.24 3.81
C SER A 179 -30.73 4.23 3.93
N ARG A 180 -30.67 5.34 3.18
CA ARG A 180 -31.78 6.29 3.05
C ARG A 180 -32.57 6.05 1.77
N ALA A 181 -32.37 4.92 1.08
CA ALA A 181 -33.07 4.54 -0.13
C ALA A 181 -32.86 5.55 -1.27
N LYS A 182 -31.69 6.17 -1.32
CA LYS A 182 -31.28 7.00 -2.42
C LYS A 182 -30.06 6.41 -3.16
N LEU A 183 -29.96 6.73 -4.46
CA LEU A 183 -28.83 6.27 -5.27
C LEU A 183 -28.59 4.76 -5.14
N THR A 184 -29.66 4.00 -5.18
CA THR A 184 -29.56 2.60 -4.92
C THR A 184 -28.92 1.82 -6.09
N ASN A 185 -28.91 2.35 -7.30
CA ASN A 185 -28.28 1.59 -8.39
C ASN A 185 -26.75 1.81 -8.36
N THR A 186 -26.36 3.01 -8.02
CA THR A 186 -25.00 3.34 -7.79
C THR A 186 -24.50 2.42 -6.73
N ALA A 187 -25.30 2.23 -5.69
CA ALA A 187 -24.92 1.35 -4.61
C ALA A 187 -24.70 -0.08 -5.09
N ASP A 188 -25.50 -0.57 -6.02
CA ASP A 188 -25.29 -1.94 -6.47
C ASP A 188 -23.95 -2.04 -7.19
N MET A 189 -23.58 -0.98 -7.91
CA MET A 189 -22.28 -0.89 -8.55
C MET A 189 -21.15 -0.93 -7.51
N ILE A 190 -21.27 -0.14 -6.44
CA ILE A 190 -20.24 -0.10 -5.42
C ILE A 190 -20.14 -1.45 -4.75
N ARG A 191 -21.24 -2.19 -4.61
CA ARG A 191 -21.18 -3.53 -3.99
C ARG A 191 -20.42 -4.58 -4.86
N LEU A 192 -20.41 -4.38 -6.18
CA LEU A 192 -19.56 -5.18 -7.05
C LEU A 192 -18.07 -4.91 -6.76
N ILE A 193 -17.67 -3.65 -6.62
CA ILE A 193 -16.31 -3.29 -6.20
C ILE A 193 -15.98 -3.88 -4.84
N ILE A 194 -16.93 -3.81 -3.90
CA ILE A 194 -16.66 -4.27 -2.55
C ILE A 194 -16.41 -5.76 -2.54
N ARG A 195 -17.18 -6.47 -3.33
CA ARG A 195 -17.00 -7.94 -3.42
C ARG A 195 -15.62 -8.33 -3.94
N ASP A 196 -15.01 -7.50 -4.80
CA ASP A 196 -13.66 -7.80 -5.25
C ASP A 196 -12.66 -7.37 -4.17
N GLU A 197 -12.77 -6.16 -3.63
CA GLU A 197 -11.84 -5.64 -2.62
C GLU A 197 -11.68 -6.52 -1.34
N ALA A 198 -12.77 -7.08 -0.85
CA ALA A 198 -12.75 -7.99 0.26
C ALA A 198 -11.80 -9.17 -0.04
N VAL A 199 -11.80 -9.66 -1.30
CA VAL A 199 -10.93 -10.78 -1.64
C VAL A 199 -9.50 -10.28 -1.84
N HIS A 200 -9.32 -9.18 -2.57
CA HIS A 200 -8.01 -8.60 -2.72
C HIS A 200 -7.20 -8.42 -1.40
N GLY A 201 -7.85 -7.81 -0.43
CA GLY A 201 -7.17 -7.51 0.83
C GLY A 201 -6.82 -8.79 1.58
N TYR A 202 -7.81 -9.68 1.68
CA TYR A 202 -7.60 -10.99 2.21
C TYR A 202 -6.37 -11.72 1.64
N TYR A 203 -6.32 -11.79 0.31
CA TYR A 203 -5.36 -12.61 -0.43
C TYR A 203 -3.96 -12.07 -0.30
N ILE A 204 -3.83 -10.77 -0.51
CA ILE A 204 -2.57 -10.12 -0.36
C ILE A 204 -2.05 -10.19 1.09
N GLY A 205 -2.92 -9.98 2.08
CA GLY A 205 -2.54 -10.18 3.48
C GLY A 205 -2.09 -11.62 3.79
N TYR A 206 -2.75 -12.57 3.13
CA TYR A 206 -2.43 -13.97 3.27
C TYR A 206 -1.04 -14.20 2.74
N LYS A 207 -0.72 -13.56 1.60
CA LYS A 207 0.57 -13.76 1.04
C LYS A 207 1.64 -13.07 1.87
N PHE A 208 1.30 -11.92 2.49
CA PHE A 208 2.14 -11.29 3.47
C PHE A 208 2.48 -12.27 4.60
N GLN A 209 1.49 -12.94 5.18
CA GLN A 209 1.74 -13.88 6.28
C GLN A 209 2.64 -15.04 5.81
N ARG A 210 2.43 -15.57 4.60
CA ARG A 210 3.28 -16.65 4.06
C ARG A 210 4.73 -16.16 3.95
N GLY A 211 4.91 -14.93 3.47
CA GLY A 211 6.23 -14.33 3.32
C GLY A 211 6.89 -14.05 4.68
N LEU A 212 6.15 -13.62 5.67
CA LEU A 212 6.75 -13.47 7.02
C LEU A 212 7.48 -14.73 7.53
N ALA A 213 6.94 -15.91 7.25
CA ALA A 213 7.55 -17.17 7.69
C ALA A 213 8.85 -17.46 7.00
N LEU A 214 9.18 -16.71 5.96
CA LEU A 214 10.40 -16.97 5.23
C LEU A 214 11.56 -16.06 5.67
N VAL A 215 11.34 -15.10 6.53
CA VAL A 215 12.46 -14.24 6.98
C VAL A 215 12.68 -14.59 8.46
N ASP A 216 13.46 -13.83 9.20
CA ASP A 216 13.66 -14.20 10.57
C ASP A 216 12.85 -13.37 11.55
N ASP A 217 12.90 -13.76 12.83
CA ASP A 217 12.18 -13.07 13.88
C ASP A 217 12.52 -11.59 14.00
N VAL A 218 13.77 -11.22 13.76
CA VAL A 218 14.16 -9.82 13.83
C VAL A 218 13.46 -8.97 12.74
N THR A 219 13.40 -9.50 11.54
CA THR A 219 12.70 -8.89 10.42
C THR A 219 11.19 -8.84 10.63
N ARG A 220 10.62 -9.89 11.19
CA ARG A 220 9.19 -9.88 11.48
C ARG A 220 8.87 -8.75 12.47
N ALA A 221 9.75 -8.58 13.45
CA ALA A 221 9.56 -7.50 14.45
C ALA A 221 9.68 -6.13 13.82
N GLU A 222 10.58 -5.98 12.84
CA GLU A 222 10.65 -4.75 12.08
C GLU A 222 9.36 -4.46 11.29
N LEU A 223 8.81 -5.50 10.65
CA LEU A 223 7.57 -5.36 9.93
C LEU A 223 6.34 -5.04 10.79
N LYS A 224 6.25 -5.52 12.00
CA LYS A 224 5.19 -5.17 12.87
C LYS A 224 5.27 -3.70 13.28
N ASP A 225 6.47 -3.21 13.56
CA ASP A 225 6.69 -1.80 13.79
C ASP A 225 6.25 -0.94 12.62
N TYR A 226 6.70 -1.29 11.43
CA TYR A 226 6.39 -0.56 10.22
C TYR A 226 4.88 -0.49 9.98
N THR A 227 4.20 -1.60 10.23
CA THR A 227 2.78 -1.70 10.01
C THR A 227 2.07 -0.70 10.87
N TYR A 228 2.33 -0.70 12.17
CA TYR A 228 1.76 0.34 13.07
C TYR A 228 2.05 1.77 12.63
N GLU A 229 3.32 2.05 12.38
CA GLU A 229 3.76 3.35 11.93
C GLU A 229 3.07 3.78 10.67
N LEU A 230 2.92 2.87 9.70
CA LEU A 230 2.28 3.23 8.44
C LEU A 230 0.76 3.43 8.68
N LEU A 231 0.16 2.56 9.43
CA LEU A 231 -1.22 2.74 9.79
C LEU A 231 -1.51 4.08 10.48
N PHE A 232 -0.70 4.48 11.46
CA PHE A 232 -0.89 5.71 12.21
C PHE A 232 -0.77 6.85 11.25
N GLU A 233 0.18 6.80 10.31
CA GLU A 233 0.34 7.91 9.38
C GLU A 233 -0.86 8.00 8.42
N LEU A 234 -1.30 6.87 7.87
CA LEU A 234 -2.44 6.86 6.95
C LEU A 234 -3.73 7.26 7.65
N TYR A 235 -3.88 6.81 8.90
CA TYR A 235 -5.05 7.12 9.71
C TYR A 235 -5.20 8.62 9.96
N ASP A 236 -4.12 9.23 10.40
CA ASP A 236 -4.12 10.63 10.65
C ASP A 236 -4.36 11.43 9.40
N ASN A 237 -3.73 11.06 8.29
CA ASN A 237 -4.00 11.74 7.06
C ASN A 237 -5.49 11.54 6.66
N GLU A 238 -6.03 10.36 6.93
CA GLU A 238 -7.38 10.05 6.54
C GLU A 238 -8.38 10.84 7.42
N VAL A 239 -8.05 11.07 8.70
CA VAL A 239 -8.91 11.89 9.49
C VAL A 239 -9.02 13.32 8.97
N GLU A 240 -7.95 13.92 8.49
CA GLU A 240 -8.01 15.29 7.94
C GLU A 240 -8.84 15.34 6.67
N TYR A 241 -8.64 14.32 5.84
CA TYR A 241 -9.37 14.15 4.59
C TYR A 241 -10.89 14.05 4.85
N THR A 242 -11.24 13.15 5.78
CA THR A 242 -12.59 12.95 6.22
C THR A 242 -13.25 14.20 6.81
N GLN A 243 -12.52 14.91 7.66
CA GLN A 243 -13.02 16.15 8.26
C GLN A 243 -13.42 17.18 7.15
N ASP A 244 -12.54 17.38 6.16
CA ASP A 244 -12.77 18.44 5.19
C ASP A 244 -13.94 18.05 4.30
N LEU A 245 -14.15 16.73 4.15
CA LEU A 245 -15.19 16.26 3.27
C LEU A 245 -16.55 16.20 3.97
N TYR A 246 -16.60 15.70 5.21
CA TYR A 246 -17.82 15.27 5.81
C TYR A 246 -18.30 16.21 6.95
N ASP A 247 -17.49 17.20 7.35
CA ASP A 247 -17.84 18.03 8.51
C ASP A 247 -19.19 18.80 8.33
N GLU A 248 -19.38 19.45 7.19
CA GLU A 248 -20.59 20.22 6.92
C GLU A 248 -21.86 19.35 6.95
N VAL A 249 -21.83 18.16 6.39
CA VAL A 249 -23.03 17.33 6.42
C VAL A 249 -23.21 16.61 7.73
N GLY A 250 -22.28 16.75 8.69
CA GLY A 250 -22.47 16.13 10.01
C GLY A 250 -22.13 14.64 10.12
N LEU A 251 -21.36 14.08 9.18
CA LEU A 251 -21.06 12.62 9.15
C LEU A 251 -19.68 12.16 9.77
N THR A 252 -18.82 13.11 10.08
CA THR A 252 -17.43 12.87 10.50
C THR A 252 -17.24 11.89 11.66
N GLU A 253 -18.04 12.04 12.71
CA GLU A 253 -17.87 11.24 13.88
C GLU A 253 -18.11 9.78 13.49
N ASP A 254 -19.17 9.54 12.73
CA ASP A 254 -19.48 8.18 12.32
C ASP A 254 -18.49 7.61 11.30
N VAL A 255 -18.00 8.42 10.39
CA VAL A 255 -17.04 7.93 9.45
C VAL A 255 -15.76 7.49 10.21
N LYS A 256 -15.44 8.21 11.28
CA LYS A 256 -14.19 7.97 11.98
C LYS A 256 -14.25 6.62 12.66
N LYS A 257 -15.44 6.23 13.11
CA LYS A 257 -15.66 4.89 13.64
C LYS A 257 -15.47 3.81 12.55
N PHE A 258 -15.99 4.09 11.37
CA PHE A 258 -15.77 3.22 10.22
C PHE A 258 -14.27 3.12 9.87
N LEU A 259 -13.53 4.19 9.92
CA LEU A 259 -12.06 4.11 9.75
C LEU A 259 -11.39 3.15 10.73
N ARG A 260 -11.77 3.18 11.98
CA ARG A 260 -11.21 2.24 12.93
C ARG A 260 -11.67 0.82 12.66
N TYR A 261 -12.91 0.69 12.27
CA TYR A 261 -13.50 -0.62 11.94
C TYR A 261 -12.69 -1.31 10.83
N ASN A 262 -12.36 -0.52 9.82
CA ASN A 262 -11.61 -1.02 8.66
C ASN A 262 -10.10 -1.16 8.97
N ALA A 263 -9.57 -0.30 9.83
CA ALA A 263 -8.19 -0.42 10.26
C ALA A 263 -8.03 -1.77 10.92
N ASN A 264 -8.97 -2.19 11.79
CA ASN A 264 -9.00 -3.55 12.33
C ASN A 264 -9.00 -4.64 11.22
N LYS A 265 -9.82 -4.49 10.17
CA LYS A 265 -9.90 -5.56 9.13
C LYS A 265 -8.58 -5.66 8.43
N ALA A 266 -7.95 -4.52 8.17
CA ALA A 266 -6.68 -4.50 7.49
C ALA A 266 -5.62 -5.16 8.35
N LEU A 267 -5.59 -4.84 9.65
CA LEU A 267 -4.60 -5.41 10.52
C LEU A 267 -4.77 -6.94 10.55
N MET A 268 -5.97 -7.39 10.69
CA MET A 268 -6.30 -8.83 10.76
C MET A 268 -6.09 -9.56 9.42
N ASN A 269 -6.30 -8.86 8.31
CA ASN A 269 -5.95 -9.43 7.01
C ASN A 269 -4.42 -9.71 6.95
N LEU A 270 -3.61 -8.89 7.62
CA LEU A 270 -2.16 -9.07 7.69
C LEU A 270 -1.73 -10.06 8.78
N GLY A 271 -2.66 -10.53 9.59
CA GLY A 271 -2.39 -11.53 10.60
C GLY A 271 -2.14 -10.92 11.98
N TYR A 272 -2.33 -9.61 12.17
CA TYR A 272 -2.13 -8.94 13.46
C TYR A 272 -3.48 -8.89 14.11
N GLU A 273 -3.47 -8.47 15.37
CA GLU A 273 -4.67 -8.32 16.19
C GLU A 273 -5.35 -7.03 15.83
N ALA A 274 -6.65 -6.98 16.05
CA ALA A 274 -7.42 -5.73 16.02
C ALA A 274 -6.81 -4.73 17.03
N LEU A 275 -6.66 -3.49 16.62
CA LEU A 275 -6.12 -2.44 17.48
C LEU A 275 -7.23 -1.73 18.31
N PHE A 276 -8.29 -1.35 17.66
CA PHE A 276 -9.39 -0.66 18.29
C PHE A 276 -10.42 -1.64 18.85
N PRO A 277 -10.83 -1.39 20.09
CA PRO A 277 -11.89 -2.18 20.71
C PRO A 277 -13.25 -1.91 20.04
N ARG A 278 -14.14 -2.87 20.18
CA ARG A 278 -15.52 -2.82 19.62
C ARG A 278 -16.33 -1.60 19.90
N ASP A 279 -16.18 -1.05 21.09
CA ASP A 279 -16.93 0.15 21.47
C ASP A 279 -16.45 1.43 20.71
N GLU A 280 -15.28 1.32 20.04
CA GLU A 280 -14.71 2.34 19.19
C GLU A 280 -15.00 2.13 17.68
N THR A 281 -15.60 1.02 17.29
CA THR A 281 -15.86 0.69 15.85
C THR A 281 -17.37 0.47 15.57
N ASP A 282 -18.18 1.10 16.43
CA ASP A 282 -19.61 0.85 16.55
C ASP A 282 -20.30 1.70 15.53
N VAL A 283 -20.01 1.47 14.25
CA VAL A 283 -20.52 2.31 13.19
C VAL A 283 -22.02 2.11 13.05
N ASN A 284 -22.75 3.14 12.60
CA ASN A 284 -24.19 3.08 12.32
C ASN A 284 -24.55 1.75 11.69
N PRO A 285 -25.37 0.93 12.35
CA PRO A 285 -25.66 -0.43 11.83
C PRO A 285 -26.31 -0.49 10.48
N ALA A 286 -26.93 0.60 10.03
CA ALA A 286 -27.59 0.63 8.71
C ALA A 286 -26.51 0.66 7.58
N ILE A 287 -25.39 1.30 7.86
CA ILE A 287 -24.25 1.26 6.96
C ILE A 287 -23.57 -0.11 6.83
N LEU A 288 -23.25 -0.79 7.93
CA LEU A 288 -22.81 -2.21 7.87
C LEU A 288 -23.79 -3.13 7.14
N SER A 289 -25.06 -3.04 7.47
CA SER A 289 -26.01 -3.92 6.79
C SER A 289 -26.02 -3.63 5.25
N ALA A 290 -26.04 -2.34 4.87
CA ALA A 290 -26.01 -1.96 3.45
C ALA A 290 -24.82 -2.53 2.65
N LEU A 291 -23.69 -2.85 3.30
CA LEU A 291 -22.68 -3.72 2.67
C LEU A 291 -23.21 -5.16 2.72
N ASP B 9 -12.31 40.71 34.74
CA ASP B 9 -13.02 40.39 36.03
C ASP B 9 -12.09 39.80 37.18
N ARG B 10 -12.72 39.35 38.27
CA ARG B 10 -12.08 39.32 39.59
C ARG B 10 -11.28 38.03 39.92
N VAL B 11 -10.33 38.23 40.85
CA VAL B 11 -9.58 37.15 41.50
C VAL B 11 -9.81 37.32 43.03
N SER B 12 -10.44 36.29 43.62
CA SER B 12 -10.63 36.18 45.05
C SER B 12 -9.29 35.81 45.68
N ALA B 13 -9.10 36.16 46.94
CA ALA B 13 -7.97 35.63 47.71
C ALA B 13 -8.14 34.11 47.91
N ILE B 14 -7.07 33.36 47.73
CA ILE B 14 -7.14 31.94 47.94
C ILE B 14 -7.18 31.65 49.45
N ASN B 15 -8.05 30.70 49.79
CA ASN B 15 -8.24 30.17 51.10
C ASN B 15 -7.89 28.66 51.13
N TRP B 16 -6.73 28.34 51.67
CA TRP B 16 -6.30 26.97 51.80
C TRP B 16 -6.96 26.24 52.97
N ASN B 17 -7.71 26.96 53.80
CA ASN B 17 -8.51 26.31 54.82
C ASN B 17 -9.90 25.91 54.32
N ARG B 18 -10.29 26.25 53.08
CA ARG B 18 -11.45 25.66 52.37
C ARG B 18 -11.13 25.07 50.98
N LEU B 19 -10.70 23.80 50.96
CA LEU B 19 -10.35 23.13 49.71
C LEU B 19 -11.62 22.72 48.99
N GLN B 20 -11.65 22.87 47.68
CA GLN B 20 -12.74 22.31 46.88
C GLN B 20 -12.45 20.87 46.42
N ASP B 21 -11.18 20.49 46.41
CA ASP B 21 -10.75 19.17 46.00
C ASP B 21 -9.49 18.90 46.75
N GLU B 22 -9.54 17.94 47.64
CA GLU B 22 -8.43 17.61 48.49
C GLU B 22 -7.23 17.11 47.65
N LYS B 23 -7.45 16.60 46.44
CA LYS B 23 -6.32 16.21 45.61
C LYS B 23 -5.30 17.39 45.37
N ASP B 24 -5.79 18.64 45.30
CA ASP B 24 -4.93 19.85 45.11
C ASP B 24 -3.97 19.96 46.26
N ALA B 25 -4.45 19.78 47.47
CA ALA B 25 -3.56 19.80 48.62
C ALA B 25 -2.54 18.67 48.66
N GLU B 26 -2.96 17.46 48.30
CA GLU B 26 -2.08 16.33 48.39
C GLU B 26 -0.95 16.50 47.37
N VAL B 27 -1.31 16.93 46.18
CA VAL B 27 -0.31 17.17 45.14
C VAL B 27 0.59 18.38 45.49
N TRP B 28 0.04 19.47 45.99
CA TRP B 28 0.88 20.55 46.54
C TRP B 28 1.92 20.06 47.53
N ASP B 29 1.49 19.25 48.51
CA ASP B 29 2.41 18.77 49.58
C ASP B 29 3.50 17.87 48.99
N ARG B 30 3.09 17.03 48.08
CA ARG B 30 4.03 16.12 47.45
C ARG B 30 5.08 16.88 46.62
N LEU B 31 4.63 17.79 45.80
CA LEU B 31 5.53 18.45 44.84
C LEU B 31 6.44 19.39 45.60
N THR B 32 5.91 20.10 46.60
CA THR B 32 6.73 21.06 47.36
C THR B 32 7.70 20.36 48.32
N GLY B 33 7.25 19.25 48.90
CA GLY B 33 8.13 18.45 49.78
C GLY B 33 9.23 17.80 48.98
N ASN B 34 9.03 17.63 47.68
CA ASN B 34 10.04 17.07 46.83
C ASN B 34 11.00 18.11 46.19
N PHE B 35 10.94 19.35 46.62
CA PHE B 35 11.78 20.39 46.08
C PHE B 35 13.23 19.99 46.08
N TRP B 36 13.93 20.33 44.98
CA TRP B 36 15.32 20.10 44.80
C TRP B 36 15.91 21.08 43.78
N LEU B 37 17.22 21.17 43.77
CA LEU B 37 17.97 21.98 42.80
C LEU B 37 19.15 21.13 42.30
N PRO B 38 19.60 21.32 41.08
CA PRO B 38 20.63 20.44 40.52
C PRO B 38 21.98 20.41 41.24
N GLU B 39 22.30 21.46 41.95
CA GLU B 39 23.62 21.55 42.68
C GLU B 39 23.72 20.56 43.83
N LYS B 40 22.60 19.99 44.26
CA LYS B 40 22.62 18.98 45.26
C LYS B 40 22.97 17.59 44.75
N VAL B 41 23.15 17.42 43.46
CA VAL B 41 23.59 16.16 42.95
C VAL B 41 25.01 16.35 42.46
N PRO B 42 25.93 15.57 42.97
CA PRO B 42 27.31 15.82 42.63
C PRO B 42 27.64 15.04 41.36
N VAL B 43 27.64 15.70 40.24
CA VAL B 43 27.87 15.01 39.01
C VAL B 43 29.33 14.88 38.58
N SER B 44 30.24 15.48 39.32
CA SER B 44 31.62 15.42 38.96
C SER B 44 32.22 14.01 39.18
N ASN B 45 31.64 13.19 40.05
CA ASN B 45 32.03 11.76 40.11
C ASN B 45 31.67 10.94 38.85
N ASP B 46 30.93 11.53 37.90
CA ASP B 46 30.79 10.94 36.56
C ASP B 46 31.90 11.22 35.62
N ILE B 47 32.84 12.07 36.00
CA ILE B 47 33.86 12.45 35.04
C ILE B 47 34.64 11.26 34.43
N PRO B 48 35.10 10.34 35.23
CA PRO B 48 35.77 9.13 34.65
C PRO B 48 34.83 8.30 33.76
N SER B 49 33.58 8.05 34.14
CA SER B 49 32.76 7.21 33.25
C SER B 49 32.41 7.98 31.98
N TRP B 50 32.15 9.27 32.06
CA TRP B 50 31.85 10.04 30.85
C TRP B 50 32.99 9.95 29.86
N GLY B 51 34.22 10.01 30.39
CA GLY B 51 35.43 9.85 29.58
C GLY B 51 35.63 8.51 28.86
N THR B 52 35.05 7.42 29.37
CA THR B 52 35.01 6.15 28.63
C THR B 52 34.04 6.06 27.48
N LEU B 53 33.07 6.97 27.36
CA LEU B 53 32.18 6.92 26.19
C LEU B 53 32.88 7.35 24.92
N THR B 54 32.47 6.83 23.76
CA THR B 54 32.99 7.30 22.49
C THR B 54 32.40 8.67 22.12
N ALA B 55 32.94 9.29 21.10
CA ALA B 55 32.41 10.51 20.61
C ALA B 55 30.92 10.35 20.23
N GLY B 56 30.58 9.21 19.60
CA GLY B 56 29.23 8.92 19.13
C GLY B 56 28.28 8.76 20.31
N GLU B 57 28.71 8.11 21.39
CA GLU B 57 27.87 7.93 22.53
C GLU B 57 27.66 9.22 23.33
N LYS B 58 28.70 10.08 23.37
CA LYS B 58 28.65 11.39 24.01
C LYS B 58 27.65 12.24 23.23
N GLN B 59 27.74 12.20 21.91
CA GLN B 59 26.88 13.04 21.12
C GLN B 59 25.39 12.61 21.27
N LEU B 60 25.11 11.32 21.18
CA LEU B 60 23.77 10.79 21.43
C LEU B 60 23.22 11.30 22.80
N THR B 61 24.02 11.16 23.86
CA THR B 61 23.59 11.53 25.18
C THR B 61 23.23 13.00 25.29
N MET B 62 24.11 13.84 24.74
CA MET B 62 23.93 15.27 24.77
C MET B 62 22.75 15.75 23.91
N ARG B 63 22.51 15.11 22.76
CA ARG B 63 21.33 15.43 21.94
C ARG B 63 20.03 15.10 22.59
N VAL B 64 19.98 13.91 23.18
CA VAL B 64 18.82 13.47 23.92
C VAL B 64 18.51 14.42 25.05
N PHE B 65 19.50 14.75 25.86
CA PHE B 65 19.31 15.73 26.96
C PHE B 65 18.84 17.10 26.49
N THR B 66 19.31 17.53 25.34
CA THR B 66 19.02 18.84 24.85
C THR B 66 17.58 18.89 24.37
N GLY B 67 17.12 17.77 23.81
CA GLY B 67 15.73 17.58 23.44
C GLY B 67 14.80 17.64 24.65
N LEU B 68 15.22 17.01 25.74
CA LEU B 68 14.52 17.09 27.00
C LEU B 68 14.48 18.52 27.58
N THR B 69 15.60 19.22 27.46
CA THR B 69 15.73 20.57 27.92
C THR B 69 14.72 21.44 27.18
N MET B 70 14.51 21.17 25.90
CA MET B 70 13.58 21.96 25.09
C MET B 70 12.17 21.75 25.56
N LEU B 71 11.82 20.50 25.81
CA LEU B 71 10.47 20.22 26.28
C LEU B 71 10.25 20.85 27.65
N ASP B 72 11.21 20.85 28.55
CA ASP B 72 10.97 21.44 29.86
C ASP B 72 10.92 22.97 29.76
N THR B 73 11.65 23.56 28.82
CA THR B 73 11.61 24.95 28.61
C THR B 73 10.21 25.34 28.19
N ILE B 74 9.65 24.58 27.21
CA ILE B 74 8.25 24.73 26.75
C ILE B 74 7.24 24.55 27.90
N GLN B 75 7.42 23.47 28.68
CA GLN B 75 6.46 23.11 29.68
C GLN B 75 6.42 24.12 30.83
N GLY B 76 7.57 24.68 31.23
CA GLY B 76 7.60 25.68 32.31
C GLY B 76 7.16 27.09 31.87
N THR B 77 7.60 27.53 30.69
CA THR B 77 7.33 28.90 30.29
C THR B 77 6.01 29.05 29.57
N VAL B 78 5.48 27.98 28.98
CA VAL B 78 4.26 28.03 28.18
C VAL B 78 3.18 27.04 28.64
N GLY B 79 3.50 25.76 28.73
CA GLY B 79 2.52 24.73 29.08
C GLY B 79 1.79 24.87 30.41
N ALA B 80 2.50 24.70 31.52
CA ALA B 80 1.89 24.85 32.83
C ALA B 80 1.13 26.16 32.99
N VAL B 81 1.75 27.25 32.56
CA VAL B 81 1.12 28.56 32.68
C VAL B 81 -0.20 28.65 31.86
N SER B 82 -0.24 28.00 30.69
CA SER B 82 -1.43 27.98 29.82
C SER B 82 -2.57 27.20 30.46
N LEU B 83 -2.29 26.37 31.44
CA LEU B 83 -3.35 25.66 32.12
C LEU B 83 -4.00 26.47 33.22
N ILE B 84 -3.34 27.52 33.69
CA ILE B 84 -3.80 28.25 34.84
C ILE B 84 -5.25 28.82 34.68
N PRO B 85 -5.61 29.45 33.57
CA PRO B 85 -6.97 30.01 33.38
C PRO B 85 -8.04 28.93 33.29
N ASP B 86 -7.62 27.69 33.09
CA ASP B 86 -8.58 26.60 32.96
C ASP B 86 -8.73 25.82 34.25
N ALA B 87 -8.19 26.31 35.34
CA ALA B 87 -8.28 25.54 36.57
C ALA B 87 -9.71 25.40 37.06
N LEU B 88 -9.99 24.30 37.70
CA LEU B 88 -11.27 24.11 38.35
C LEU B 88 -11.30 24.75 39.75
N THR B 89 -10.12 24.91 40.39
CA THR B 89 -10.00 25.46 41.73
C THR B 89 -8.86 26.45 41.80
N PRO B 90 -8.92 27.35 42.77
CA PRO B 90 -7.79 28.25 43.04
C PRO B 90 -6.52 27.49 43.39
N HIS B 91 -6.69 26.38 44.09
CA HIS B 91 -5.56 25.66 44.66
C HIS B 91 -4.78 24.92 43.53
N GLU B 92 -5.50 24.54 42.48
CA GLU B 92 -4.91 24.01 41.27
C GLU B 92 -4.04 25.06 40.58
N GLU B 93 -4.51 26.29 40.54
CA GLU B 93 -3.72 27.37 39.98
C GLU B 93 -2.39 27.51 40.73
N ALA B 94 -2.44 27.41 42.06
CA ALA B 94 -1.21 27.46 42.83
C ALA B 94 -0.29 26.25 42.55
N VAL B 95 -0.85 25.04 42.41
CA VAL B 95 -0.04 23.88 42.09
C VAL B 95 0.64 24.09 40.75
N LEU B 96 -0.08 24.65 39.79
CA LEU B 96 0.48 24.82 38.46
C LEU B 96 1.63 25.80 38.52
N THR B 97 1.58 26.80 39.42
CA THR B 97 2.77 27.65 39.54
C THR B 97 3.98 26.86 40.03
N ASN B 98 3.80 25.94 40.97
CA ASN B 98 4.89 25.04 41.38
C ASN B 98 5.40 24.21 40.21
N ILE B 99 4.48 23.72 39.34
CA ILE B 99 4.89 22.87 38.21
C ILE B 99 5.71 23.71 37.25
N ALA B 100 5.25 24.92 36.95
CA ALA B 100 6.03 25.78 36.04
C ALA B 100 7.46 25.97 36.55
N PHE B 101 7.60 26.34 37.83
CA PHE B 101 8.95 26.56 38.41
C PHE B 101 9.79 25.29 38.30
N MET B 102 9.21 24.12 38.65
CA MET B 102 10.05 22.89 38.71
C MET B 102 10.44 22.46 37.29
N GLU B 103 9.63 22.82 36.29
CA GLU B 103 10.02 22.57 34.93
C GLU B 103 11.29 23.36 34.61
N SER B 104 11.38 24.58 35.12
CA SER B 104 12.57 25.39 34.87
C SER B 104 13.77 24.77 35.59
N VAL B 105 13.56 24.25 36.81
CA VAL B 105 14.62 23.55 37.55
C VAL B 105 15.11 22.36 36.73
N HIS B 106 14.17 21.57 36.18
CA HIS B 106 14.50 20.44 35.29
C HIS B 106 15.36 20.85 34.14
N ALA B 107 14.92 21.89 33.42
CA ALA B 107 15.67 22.35 32.30
C ALA B 107 17.09 22.72 32.73
N LYS B 108 17.21 23.45 33.84
CA LYS B 108 18.52 23.91 34.30
C LYS B 108 19.42 22.73 34.62
N SER B 109 18.84 21.60 35.04
CA SER B 109 19.64 20.49 35.54
C SER B 109 20.44 19.88 34.43
N TYR B 110 19.95 19.92 33.18
CA TYR B 110 20.71 19.45 32.03
C TYR B 110 21.94 20.31 31.77
N SER B 111 21.80 21.62 31.96
CA SER B 111 22.91 22.52 31.89
C SER B 111 23.92 22.24 32.99
N GLN B 112 23.50 21.82 34.16
CA GLN B 112 24.45 21.48 35.26
C GLN B 112 25.25 20.26 34.89
N ILE B 113 24.60 19.28 34.27
CA ILE B 113 25.30 18.10 33.75
C ILE B 113 26.31 18.44 32.65
N PHE B 114 25.89 19.20 31.67
CA PHE B 114 26.76 19.64 30.62
C PHE B 114 27.98 20.48 31.14
N SER B 115 27.73 21.36 32.11
CA SER B 115 28.75 22.26 32.58
C SER B 115 29.91 21.41 33.16
N THR B 116 29.57 20.50 34.02
CA THR B 116 30.52 19.64 34.69
C THR B 116 31.24 18.67 33.77
N LEU B 117 30.53 18.09 32.77
CA LEU B 117 31.07 16.95 31.99
C LEU B 117 31.62 17.30 30.66
N CYS B 118 30.98 18.24 30.01
CA CYS B 118 31.17 18.36 28.59
C CYS B 118 31.96 19.53 28.17
N SER B 119 32.64 19.27 27.08
CA SER B 119 33.39 20.22 26.31
C SER B 119 32.44 21.30 25.99
N THR B 120 32.92 22.52 25.92
CA THR B 120 32.15 23.70 25.54
C THR B 120 31.77 23.66 24.05
N ALA B 121 32.61 23.04 23.23
CA ALA B 121 32.23 22.97 21.79
C ALA B 121 31.09 21.94 21.56
N GLU B 122 31.16 20.78 22.23
CA GLU B 122 30.11 19.79 22.21
C GLU B 122 28.75 20.35 22.67
N ILE B 123 28.71 21.08 23.76
CA ILE B 123 27.52 21.78 24.21
C ILE B 123 26.91 22.64 23.14
N ASP B 124 27.68 23.53 22.54
CA ASP B 124 27.16 24.33 21.42
C ASP B 124 26.63 23.52 20.22
N ASP B 125 27.36 22.45 19.84
CA ASP B 125 26.93 21.56 18.76
C ASP B 125 25.56 20.95 19.10
N ALA B 126 25.37 20.51 20.34
CA ALA B 126 24.10 19.92 20.77
C ALA B 126 22.92 20.93 20.68
N PHE B 127 23.15 22.16 21.15
CA PHE B 127 22.10 23.18 21.08
C PHE B 127 21.80 23.55 19.61
N ARG B 128 22.82 23.55 18.77
CA ARG B 128 22.59 23.81 17.35
C ARG B 128 21.83 22.67 16.68
N TRP B 129 22.21 21.45 16.98
CA TRP B 129 21.45 20.32 16.48
C TRP B 129 19.96 20.45 16.86
N SER B 130 19.67 20.88 18.10
CA SER B 130 18.29 21.00 18.59
C SER B 130 17.47 22.04 17.83
N GLU B 131 18.14 23.08 17.32
CA GLU B 131 17.44 24.09 16.55
C GLU B 131 17.13 23.61 15.15
N GLU B 132 17.93 22.66 14.64
CA GLU B 132 17.88 22.25 13.24
C GLU B 132 17.06 20.96 13.06
N ASN B 133 16.96 20.14 14.10
CA ASN B 133 16.36 18.85 13.93
C ASN B 133 14.87 18.96 13.68
N ARG B 134 14.45 18.38 12.57
CA ARG B 134 13.07 18.53 12.10
C ARG B 134 12.08 17.83 13.03
N ASN B 135 12.46 16.70 13.63
CA ASN B 135 11.52 16.01 14.50
C ASN B 135 11.36 16.68 15.85
N LEU B 136 12.44 17.21 16.42
CA LEU B 136 12.38 17.96 17.67
C LEU B 136 11.54 19.20 17.46
N GLN B 137 11.80 19.93 16.39
CA GLN B 137 11.02 21.14 16.08
C GLN B 137 9.57 20.78 15.89
N ARG B 138 9.29 19.65 15.28
CA ARG B 138 7.90 19.27 14.98
C ARG B 138 7.16 18.89 16.26
N LYS B 139 7.80 18.15 17.16
CA LYS B 139 7.11 17.81 18.41
C LYS B 139 6.83 19.10 19.21
N ALA B 140 7.76 20.04 19.20
CA ALA B 140 7.58 21.28 19.91
C ALA B 140 6.41 22.07 19.37
N GLU B 141 6.42 22.25 18.06
CA GLU B 141 5.36 22.91 17.33
C GLU B 141 3.95 22.29 17.58
N ILE B 142 3.83 20.96 17.60
CA ILE B 142 2.53 20.31 17.82
C ILE B 142 1.96 20.64 19.22
N VAL B 143 2.76 20.52 20.29
CA VAL B 143 2.27 20.85 21.62
C VAL B 143 2.08 22.35 21.82
N LEU B 144 3.00 23.17 21.35
CA LEU B 144 2.84 24.62 21.43
C LEU B 144 1.53 25.09 20.80
N GLN B 145 1.08 24.44 19.73
CA GLN B 145 -0.10 24.88 19.01
C GLN B 145 -1.32 24.51 19.83
N SER B 146 -1.32 23.35 20.51
CA SER B 146 -2.38 23.03 21.47
C SER B 146 -2.41 24.01 22.67
N TYR B 147 -1.26 24.22 23.28
CA TYR B 147 -1.15 25.13 24.43
C TYR B 147 -1.65 26.52 24.08
N ARG B 148 -1.35 27.00 22.87
CA ARG B 148 -1.82 28.36 22.44
C ARG B 148 -3.21 28.43 21.78
N GLY B 149 -3.90 27.31 21.65
CA GLY B 149 -5.23 27.34 21.05
C GLY B 149 -6.26 27.77 22.08
N ASP B 150 -7.54 27.54 21.78
CA ASP B 150 -8.59 28.01 22.64
C ASP B 150 -9.45 26.84 23.09
N GLU B 151 -8.82 25.66 23.25
CA GLU B 151 -9.54 24.45 23.60
C GLU B 151 -8.90 23.79 24.83
N PRO B 152 -9.47 24.05 26.00
CA PRO B 152 -8.88 23.67 27.28
C PRO B 152 -8.59 22.18 27.48
N LEU B 153 -9.54 21.31 27.17
CA LEU B 153 -9.35 19.89 27.36
C LEU B 153 -8.29 19.34 26.40
N LYS B 154 -8.23 19.89 25.17
CA LYS B 154 -7.24 19.43 24.23
C LYS B 154 -5.85 19.79 24.73
N ARG B 155 -5.73 20.93 25.37
CA ARG B 155 -4.49 21.36 25.98
C ARG B 155 -4.00 20.42 27.07
N LYS B 156 -4.91 19.86 27.86
CA LYS B 156 -4.56 18.90 28.88
C LYS B 156 -4.16 17.57 28.27
N VAL B 157 -4.76 17.22 27.12
CA VAL B 157 -4.29 16.03 26.40
C VAL B 157 -2.83 16.24 25.97
N ALA B 158 -2.56 17.38 25.38
CA ALA B 158 -1.23 17.60 24.89
C ALA B 158 -0.22 17.63 26.01
N SER B 159 -0.58 18.25 27.12
CA SER B 159 0.29 18.33 28.27
C SER B 159 0.59 16.97 28.83
N THR B 160 -0.40 16.13 28.95
CA THR B 160 -0.23 14.82 29.56
C THR B 160 0.58 13.93 28.66
N LEU B 161 0.46 14.15 27.36
CA LEU B 161 1.24 13.36 26.40
C LEU B 161 2.71 13.84 26.43
N LEU B 162 2.92 15.15 26.57
CA LEU B 162 4.26 15.67 26.76
C LEU B 162 4.90 15.06 28.08
N GLU B 163 4.22 15.10 29.20
CA GLU B 163 4.79 14.62 30.45
C GLU B 163 4.95 13.12 30.40
N SER B 164 3.87 12.40 30.14
CA SER B 164 3.90 10.95 30.28
C SER B 164 4.42 10.17 29.07
N PHE B 165 4.55 10.78 27.88
CA PHE B 165 5.02 10.05 26.70
C PHE B 165 6.31 10.63 26.10
N LEU B 166 6.33 11.90 25.75
CA LEU B 166 7.53 12.52 25.16
C LEU B 166 8.73 12.53 26.15
N PHE B 167 8.54 13.05 27.34
CA PHE B 167 9.63 13.16 28.29
C PHE B 167 10.06 11.87 28.81
N TYR B 168 9.08 11.08 29.25
CA TYR B 168 9.39 9.78 29.85
C TYR B 168 10.24 8.94 28.93
N SER B 169 10.04 9.10 27.61
CA SER B 169 10.79 8.30 26.67
C SER B 169 12.23 8.65 26.65
N GLY B 170 12.58 9.94 26.85
CA GLY B 170 13.99 10.39 26.90
C GLY B 170 14.76 9.85 28.11
N PHE B 171 14.07 9.31 29.09
CA PHE B 171 14.73 8.74 30.23
C PHE B 171 15.36 7.38 29.99
N TYR B 172 15.21 6.80 28.81
CA TYR B 172 15.68 5.45 28.52
C TYR B 172 17.17 5.44 28.67
N LEU B 173 17.82 6.33 27.93
CA LEU B 173 19.27 6.38 27.82
C LEU B 173 20.05 6.55 29.17
N PRO B 174 19.75 7.55 30.01
CA PRO B 174 20.47 7.64 31.29
C PRO B 174 20.31 6.38 32.08
N MET B 175 19.15 5.71 31.98
CA MET B 175 18.93 4.48 32.74
C MET B 175 19.64 3.31 32.09
N TYR B 176 19.78 3.31 30.78
CA TYR B 176 20.63 2.35 30.12
C TYR B 176 22.10 2.51 30.59
N TRP B 177 22.64 3.73 30.54
CA TRP B 177 23.98 3.95 31.05
C TRP B 177 24.14 3.49 32.51
N SER B 178 23.20 3.85 33.34
CA SER B 178 23.24 3.50 34.74
C SER B 178 23.29 1.96 34.99
N SER B 179 22.53 1.20 34.21
CA SER B 179 22.46 -0.23 34.37
C SER B 179 23.79 -0.83 33.94
N ARG B 180 24.63 -0.04 33.28
CA ARG B 180 25.96 -0.49 32.91
C ARG B 180 27.06 0.22 33.65
N ALA B 181 26.77 0.81 34.79
CA ALA B 181 27.80 1.38 35.68
C ALA B 181 28.47 2.61 35.07
N LYS B 182 27.71 3.32 34.23
CA LYS B 182 28.12 4.59 33.64
C LYS B 182 27.12 5.68 34.03
N LEU B 183 27.67 6.87 34.32
CA LEU B 183 26.91 8.05 34.57
C LEU B 183 25.90 7.85 35.64
N THR B 184 26.31 7.17 36.69
CA THR B 184 25.37 6.86 37.75
C THR B 184 24.88 8.11 38.52
N ASN B 185 25.71 9.13 38.67
CA ASN B 185 25.21 10.33 39.39
C ASN B 185 24.24 11.13 38.52
N THR B 186 24.52 11.19 37.26
CA THR B 186 23.61 11.78 36.31
C THR B 186 22.27 11.10 36.39
N ALA B 187 22.23 9.78 36.50
CA ALA B 187 20.98 9.05 36.69
C ALA B 187 20.26 9.46 37.97
N ASP B 188 20.98 9.71 39.05
CA ASP B 188 20.33 10.21 40.29
C ASP B 188 19.60 11.56 40.01
N MET B 189 20.21 12.41 39.20
CA MET B 189 19.59 13.67 38.78
C MET B 189 18.28 13.38 38.01
N ILE B 190 18.35 12.48 37.05
CA ILE B 190 17.23 12.16 36.22
C ILE B 190 16.10 11.58 37.08
N ARG B 191 16.43 10.83 38.12
CA ARG B 191 15.38 10.27 38.96
C ARG B 191 14.66 11.34 39.82
N LEU B 192 15.33 12.41 40.17
CA LEU B 192 14.62 13.53 40.74
C LEU B 192 13.63 14.15 39.72
N ILE B 193 14.01 14.21 38.47
CA ILE B 193 13.08 14.72 37.44
C ILE B 193 11.86 13.84 37.29
N ILE B 194 12.08 12.53 37.27
CA ILE B 194 11.03 11.54 37.07
C ILE B 194 10.07 11.56 38.22
N ARG B 195 10.60 11.63 39.42
CA ARG B 195 9.77 11.70 40.60
C ARG B 195 8.72 12.86 40.46
N ASP B 196 9.10 13.96 39.79
CA ASP B 196 8.20 15.10 39.53
C ASP B 196 7.26 14.83 38.35
N GLU B 197 7.80 14.39 37.22
CA GLU B 197 7.03 14.11 36.01
C GLU B 197 5.90 13.07 36.23
N ALA B 198 6.13 12.05 37.05
CA ALA B 198 5.10 11.08 37.38
C ALA B 198 3.86 11.75 37.96
N VAL B 199 4.05 12.62 38.93
CA VAL B 199 2.99 13.37 39.57
C VAL B 199 2.35 14.38 38.61
N HIS B 200 3.19 15.06 37.83
CA HIS B 200 2.70 16.09 36.92
C HIS B 200 1.68 15.42 35.96
N GLY B 201 2.04 14.29 35.38
CA GLY B 201 1.21 13.60 34.40
C GLY B 201 -0.05 13.04 35.01
N TYR B 202 0.10 12.49 36.19
CA TYR B 202 -1.00 12.03 36.99
C TYR B 202 -1.99 13.12 37.23
N TYR B 203 -1.54 14.30 37.62
CA TYR B 203 -2.41 15.33 38.14
C TYR B 203 -3.11 16.08 37.01
N ILE B 204 -2.37 16.43 35.95
CA ILE B 204 -2.98 17.14 34.83
C ILE B 204 -4.00 16.16 34.16
N GLY B 205 -3.61 14.90 34.07
CA GLY B 205 -4.51 13.85 33.65
C GLY B 205 -5.76 13.69 34.50
N TYR B 206 -5.63 13.76 35.82
CA TYR B 206 -6.76 13.76 36.68
C TYR B 206 -7.73 14.95 36.42
N LYS B 207 -7.16 16.13 36.21
CA LYS B 207 -7.93 17.29 35.98
C LYS B 207 -8.61 17.19 34.64
N PHE B 208 -7.99 16.54 33.65
CA PHE B 208 -8.68 16.31 32.36
C PHE B 208 -9.90 15.45 32.60
N GLN B 209 -9.78 14.41 33.38
CA GLN B 209 -10.91 13.54 33.66
C GLN B 209 -12.06 14.31 34.36
N ARG B 210 -11.75 15.15 35.37
CA ARG B 210 -12.77 15.99 36.02
C ARG B 210 -13.41 16.95 35.03
N GLY B 211 -12.64 17.57 34.16
CA GLY B 211 -13.22 18.40 33.15
C GLY B 211 -14.07 17.67 32.08
N LEU B 212 -13.74 16.41 31.77
CA LEU B 212 -14.40 15.62 30.72
C LEU B 212 -15.82 15.29 31.17
N ALA B 213 -15.97 15.04 32.47
CA ALA B 213 -17.28 14.75 33.06
C ALA B 213 -18.26 15.91 32.99
N LEU B 214 -17.80 17.13 32.84
CA LEU B 214 -18.65 18.31 32.82
C LEU B 214 -19.14 18.65 31.42
N VAL B 215 -18.65 17.97 30.39
CA VAL B 215 -19.12 18.30 29.03
C VAL B 215 -20.14 17.27 28.50
N ASP B 216 -20.68 17.53 27.31
CA ASP B 216 -21.70 16.63 26.69
C ASP B 216 -21.07 15.43 25.95
N ASP B 217 -21.91 14.47 25.55
CA ASP B 217 -21.47 13.17 24.99
C ASP B 217 -20.63 13.40 23.68
N VAL B 218 -21.04 14.37 22.88
CA VAL B 218 -20.39 14.72 21.65
C VAL B 218 -18.96 15.25 21.89
N THR B 219 -18.83 16.13 22.87
CA THR B 219 -17.53 16.73 23.17
C THR B 219 -16.57 15.64 23.70
N ARG B 220 -17.07 14.78 24.54
CA ARG B 220 -16.32 13.61 25.00
C ARG B 220 -15.86 12.71 23.85
N ALA B 221 -16.74 12.49 22.89
CA ALA B 221 -16.42 11.69 21.74
C ALA B 221 -15.34 12.37 20.90
N GLU B 222 -15.46 13.67 20.71
CA GLU B 222 -14.47 14.45 19.99
C GLU B 222 -13.06 14.43 20.67
N LEU B 223 -13.04 14.37 22.00
CA LEU B 223 -11.80 14.45 22.74
C LEU B 223 -11.05 13.12 22.70
N LYS B 224 -11.81 12.04 22.75
CA LYS B 224 -11.27 10.70 22.55
C LYS B 224 -10.64 10.59 21.14
N ASP B 225 -11.33 11.08 20.11
CA ASP B 225 -10.80 11.08 18.74
C ASP B 225 -9.48 11.84 18.69
N TYR B 226 -9.45 12.99 19.33
CA TYR B 226 -8.32 13.89 19.27
C TYR B 226 -7.12 13.25 19.97
N THR B 227 -7.38 12.54 21.05
CA THR B 227 -6.33 11.94 21.81
C THR B 227 -5.64 10.89 20.95
N TYR B 228 -6.39 10.06 20.25
CA TYR B 228 -5.75 9.06 19.41
C TYR B 228 -4.97 9.75 18.28
N GLU B 229 -5.58 10.73 17.64
CA GLU B 229 -4.98 11.36 16.51
C GLU B 229 -3.65 12.02 16.94
N LEU B 230 -3.68 12.73 18.06
CA LEU B 230 -2.52 13.43 18.55
C LEU B 230 -1.47 12.42 19.00
N LEU B 231 -1.89 11.34 19.63
CA LEU B 231 -0.91 10.31 20.00
C LEU B 231 -0.21 9.69 18.79
N PHE B 232 -1.01 9.44 17.73
CA PHE B 232 -0.47 8.79 16.52
C PHE B 232 0.49 9.68 15.84
N GLU B 233 0.20 10.98 15.82
CA GLU B 233 1.06 11.93 15.18
C GLU B 233 2.39 12.05 15.95
N LEU B 234 2.32 12.17 17.26
CA LEU B 234 3.51 12.29 18.10
C LEU B 234 4.35 11.00 18.09
N TYR B 235 3.65 9.85 18.06
CA TYR B 235 4.31 8.54 18.05
C TYR B 235 5.13 8.39 16.77
N ASP B 236 4.54 8.70 15.63
CA ASP B 236 5.27 8.54 14.36
C ASP B 236 6.44 9.50 14.28
N ASN B 237 6.23 10.72 14.77
CA ASN B 237 7.31 11.67 14.79
C ASN B 237 8.42 11.19 15.76
N GLU B 238 8.08 10.65 16.90
CA GLU B 238 9.05 10.20 17.86
C GLU B 238 9.81 8.94 17.31
N VAL B 239 9.18 8.09 16.49
CA VAL B 239 9.96 7.00 15.93
C VAL B 239 10.98 7.50 14.97
N GLU B 240 10.72 8.52 14.18
CA GLU B 240 11.79 9.04 13.32
C GLU B 240 12.90 9.65 14.16
N TYR B 241 12.54 10.42 15.19
CA TYR B 241 13.54 10.97 16.11
C TYR B 241 14.38 9.85 16.74
N THR B 242 13.72 8.79 17.17
CA THR B 242 14.39 7.68 17.80
C THR B 242 15.38 6.99 16.86
N GLN B 243 14.89 6.62 15.68
CA GLN B 243 15.72 6.01 14.63
C GLN B 243 17.00 6.80 14.39
N ASP B 244 16.87 8.10 14.10
CA ASP B 244 18.05 8.92 13.84
C ASP B 244 19.03 8.96 15.02
N LEU B 245 18.53 8.97 16.26
CA LEU B 245 19.39 9.02 17.44
C LEU B 245 20.02 7.67 17.78
N TYR B 246 19.22 6.58 17.80
CA TYR B 246 19.63 5.37 18.43
C TYR B 246 20.02 4.25 17.45
N ASP B 247 19.87 4.41 16.13
CA ASP B 247 20.10 3.26 15.21
C ASP B 247 21.56 2.80 15.31
N GLU B 248 22.47 3.76 15.41
CA GLU B 248 23.85 3.40 15.34
C GLU B 248 24.27 2.55 16.56
N VAL B 249 23.88 2.93 17.76
CA VAL B 249 24.24 2.11 18.91
C VAL B 249 23.33 0.87 19.10
N GLY B 250 22.31 0.67 18.25
CA GLY B 250 21.51 -0.55 18.24
C GLY B 250 20.32 -0.56 19.17
N LEU B 251 19.92 0.59 19.69
CA LEU B 251 18.92 0.61 20.76
C LEU B 251 17.45 0.91 20.22
N THR B 252 17.31 1.08 18.92
CA THR B 252 16.05 1.56 18.36
C THR B 252 14.86 0.71 18.68
N GLU B 253 14.99 -0.59 18.46
CA GLU B 253 13.93 -1.58 18.69
C GLU B 253 13.41 -1.54 20.12
N ASP B 254 14.32 -1.53 21.10
CA ASP B 254 13.90 -1.53 22.49
C ASP B 254 13.34 -0.14 22.96
N VAL B 255 13.82 0.95 22.37
CA VAL B 255 13.26 2.26 22.69
C VAL B 255 11.84 2.36 22.17
N LYS B 256 11.55 1.73 21.03
CA LYS B 256 10.20 1.75 20.47
C LYS B 256 9.27 0.99 21.38
N LYS B 257 9.72 -0.12 21.95
CA LYS B 257 8.93 -0.76 23.00
C LYS B 257 8.66 0.15 24.18
N PHE B 258 9.65 0.93 24.56
CA PHE B 258 9.51 1.87 25.68
C PHE B 258 8.55 2.98 25.28
N LEU B 259 8.59 3.39 24.01
CA LEU B 259 7.64 4.38 23.54
C LEU B 259 6.19 3.90 23.73
N ARG B 260 5.97 2.61 23.46
CA ARG B 260 4.64 2.07 23.59
C ARG B 260 4.24 1.91 25.05
N TYR B 261 5.21 1.52 25.87
CA TYR B 261 5.02 1.42 27.30
C TYR B 261 4.54 2.76 27.86
N ASN B 262 5.09 3.84 27.38
CA ASN B 262 4.77 5.18 27.93
C ASN B 262 3.50 5.79 27.31
N ALA B 263 3.21 5.42 26.09
CA ALA B 263 1.94 5.75 25.49
C ALA B 263 0.83 5.18 26.32
N ASN B 264 0.97 3.92 26.76
CA ASN B 264 -0.05 3.34 27.59
C ASN B 264 -0.24 4.16 28.84
N LYS B 265 0.86 4.56 29.47
CA LYS B 265 0.81 5.28 30.73
C LYS B 265 0.16 6.63 30.59
N ALA B 266 0.44 7.34 29.49
CA ALA B 266 -0.20 8.63 29.21
C ALA B 266 -1.70 8.46 29.00
N LEU B 267 -2.07 7.45 28.21
CA LEU B 267 -3.50 7.21 27.91
C LEU B 267 -4.20 6.93 29.23
N MET B 268 -3.58 6.13 30.09
CA MET B 268 -4.24 5.76 31.36
C MET B 268 -4.31 6.94 32.33
N ASN B 269 -3.31 7.82 32.32
CA ASN B 269 -3.36 9.00 33.18
C ASN B 269 -4.53 9.89 32.73
N LEU B 270 -4.94 9.76 31.47
CA LEU B 270 -6.02 10.55 30.95
C LEU B 270 -7.37 9.81 31.11
N GLY B 271 -7.32 8.64 31.73
CA GLY B 271 -8.46 7.79 31.99
C GLY B 271 -8.89 6.89 30.84
N TYR B 272 -8.16 6.85 29.75
CA TYR B 272 -8.44 5.88 28.67
C TYR B 272 -7.74 4.57 28.97
N GLU B 273 -8.07 3.54 28.21
CA GLU B 273 -7.46 2.24 28.40
C GLU B 273 -6.10 2.20 27.66
N ALA B 274 -5.22 1.31 28.11
CA ALA B 274 -4.01 1.00 27.38
C ALA B 274 -4.31 0.64 25.96
N LEU B 275 -3.52 1.12 25.01
CA LEU B 275 -3.69 0.80 23.61
C LEU B 275 -2.82 -0.40 23.14
N PHE B 276 -1.58 -0.48 23.56
CA PHE B 276 -0.69 -1.56 23.17
C PHE B 276 -0.66 -2.66 24.17
N PRO B 277 -0.73 -3.90 23.73
CA PRO B 277 -0.72 -5.02 24.69
C PRO B 277 0.65 -5.24 25.27
N ARG B 278 0.67 -5.94 26.39
CA ARG B 278 1.86 -6.08 27.24
C ARG B 278 3.07 -6.67 26.52
N ASP B 279 2.85 -7.57 25.60
CA ASP B 279 3.93 -8.17 24.82
C ASP B 279 4.54 -7.25 23.74
N GLU B 280 4.07 -6.00 23.67
CA GLU B 280 4.71 -5.01 22.81
C GLU B 280 5.31 -3.90 23.63
N THR B 281 5.25 -3.98 24.96
CA THR B 281 5.80 -2.94 25.84
C THR B 281 6.84 -3.51 26.80
N ASP B 282 7.43 -4.61 26.36
CA ASP B 282 8.23 -5.56 27.13
C ASP B 282 9.65 -5.08 27.04
N VAL B 283 9.90 -3.97 27.71
CA VAL B 283 11.16 -3.29 27.68
C VAL B 283 12.21 -3.97 28.57
N ASN B 284 13.46 -3.98 28.11
CA ASN B 284 14.51 -4.66 28.86
C ASN B 284 14.41 -4.28 30.34
N PRO B 285 14.32 -5.27 31.23
CA PRO B 285 13.94 -5.01 32.64
C PRO B 285 14.96 -4.34 33.52
N ALA B 286 16.22 -4.43 33.11
CA ALA B 286 17.27 -3.53 33.64
C ALA B 286 16.81 -2.02 33.68
N ILE B 287 16.39 -1.51 32.52
CA ILE B 287 15.88 -0.14 32.39
C ILE B 287 14.79 0.17 33.43
N LEU B 288 13.78 -0.71 33.50
CA LEU B 288 12.65 -0.49 34.40
C LEU B 288 13.01 -0.47 35.88
N SER B 289 14.01 -1.24 36.31
CA SER B 289 14.48 -1.18 37.73
C SER B 289 14.94 0.25 38.11
N ALA B 290 15.92 0.72 37.32
CA ALA B 290 16.53 2.05 37.44
C ALA B 290 15.49 3.19 37.47
N LEU B 291 14.31 2.94 36.95
CA LEU B 291 13.35 4.01 36.72
C LEU B 291 12.40 4.40 37.86
N SER B 292 12.65 3.99 39.12
CA SER B 292 11.57 4.00 40.18
C SER B 292 11.19 5.29 41.07
N PRO B 293 11.60 5.43 42.36
CA PRO B 293 10.77 6.16 43.38
C PRO B 293 11.29 7.34 44.31
N ASN B 294 10.34 7.89 45.12
CA ASN B 294 10.45 8.05 46.63
C ASN B 294 10.39 9.44 47.36
N ALA B 295 9.22 9.81 47.90
CA ALA B 295 8.95 11.19 48.38
C ALA B 295 9.83 11.67 49.60
N ASP B 296 10.78 12.60 49.32
CA ASP B 296 11.67 13.39 50.26
C ASP B 296 13.17 13.07 50.05
N ASP C 9 6.96 10.02 -8.60
CA ASP C 9 5.93 11.10 -8.64
C ASP C 9 4.45 10.62 -8.91
N ARG C 10 3.60 11.51 -9.43
CA ARG C 10 2.14 11.48 -9.18
C ARG C 10 1.40 10.55 -10.15
N VAL C 11 0.34 9.90 -9.66
CA VAL C 11 -0.67 9.28 -10.56
C VAL C 11 -2.01 10.08 -10.48
N SER C 12 -2.56 10.43 -11.65
CA SER C 12 -3.81 11.15 -11.77
C SER C 12 -4.88 10.12 -11.85
N ALA C 13 -6.03 10.40 -11.24
CA ALA C 13 -7.16 9.51 -11.42
C ALA C 13 -7.56 9.48 -12.92
N ILE C 14 -7.86 8.31 -13.46
CA ILE C 14 -8.26 8.23 -14.85
C ILE C 14 -9.70 8.74 -15.04
N ASN C 15 -9.85 9.51 -16.12
CA ASN C 15 -11.13 10.05 -16.55
C ASN C 15 -11.48 9.51 -17.94
N TRP C 16 -12.38 8.53 -17.97
CA TRP C 16 -12.83 7.90 -19.19
C TRP C 16 -13.90 8.74 -19.88
N ASN C 17 -14.30 9.86 -19.29
CA ASN C 17 -15.13 10.81 -20.02
C ASN C 17 -14.30 11.83 -20.79
N ARG C 18 -12.96 11.82 -20.66
CA ARG C 18 -12.05 12.59 -21.55
C ARG C 18 -11.01 11.67 -22.17
N LEU C 19 -11.37 11.06 -23.28
CA LEU C 19 -10.44 10.22 -24.04
C LEU C 19 -9.42 11.04 -24.76
N GLN C 20 -8.17 10.60 -24.81
CA GLN C 20 -7.13 11.31 -25.56
C GLN C 20 -6.98 10.65 -26.94
N ASP C 21 -7.24 9.35 -27.01
CA ASP C 21 -7.25 8.62 -28.26
C ASP C 21 -8.38 7.64 -28.20
N GLU C 22 -9.30 7.81 -29.10
CA GLU C 22 -10.50 7.00 -29.14
C GLU C 22 -10.15 5.52 -29.40
N LYS C 23 -8.99 5.24 -29.98
CA LYS C 23 -8.65 3.84 -30.24
C LYS C 23 -8.54 3.09 -28.94
N ASP C 24 -8.10 3.77 -27.88
CA ASP C 24 -8.01 3.10 -26.55
C ASP C 24 -9.37 2.59 -26.12
N ALA C 25 -10.41 3.38 -26.28
CA ALA C 25 -11.78 2.96 -25.91
C ALA C 25 -12.28 1.83 -26.77
N GLU C 26 -12.06 1.90 -28.06
CA GLU C 26 -12.47 0.82 -28.96
C GLU C 26 -11.76 -0.49 -28.58
N VAL C 27 -10.48 -0.43 -28.28
CA VAL C 27 -9.78 -1.70 -27.93
C VAL C 27 -10.22 -2.21 -26.56
N TRP C 28 -10.42 -1.34 -25.59
CA TRP C 28 -11.03 -1.75 -24.33
C TRP C 28 -12.31 -2.52 -24.55
N ASP C 29 -13.18 -1.92 -25.35
CA ASP C 29 -14.55 -2.44 -25.49
C ASP C 29 -14.50 -3.78 -26.19
N ARG C 30 -13.67 -3.87 -27.20
CA ARG C 30 -13.53 -5.16 -27.90
C ARG C 30 -12.95 -6.28 -26.99
N LEU C 31 -11.86 -5.94 -26.29
CA LEU C 31 -11.13 -6.95 -25.50
C LEU C 31 -11.98 -7.37 -24.34
N THR C 32 -12.54 -6.41 -23.61
CA THR C 32 -13.49 -6.75 -22.54
C THR C 32 -14.77 -7.42 -23.00
N GLY C 33 -15.32 -7.01 -24.14
CA GLY C 33 -16.54 -7.66 -24.64
C GLY C 33 -16.24 -9.11 -25.06
N ASN C 34 -14.97 -9.41 -25.40
CA ASN C 34 -14.57 -10.80 -25.74
C ASN C 34 -14.10 -11.65 -24.58
N PHE C 35 -14.27 -11.16 -23.35
CA PHE C 35 -13.94 -11.96 -22.14
C PHE C 35 -14.43 -13.40 -22.26
N TRP C 36 -13.54 -14.36 -21.92
CA TRP C 36 -13.90 -15.73 -21.81
C TRP C 36 -13.03 -16.41 -20.78
N LEU C 37 -13.46 -17.58 -20.34
CA LEU C 37 -12.67 -18.50 -19.49
C LEU C 37 -12.64 -19.93 -20.11
N PRO C 38 -11.56 -20.68 -19.92
CA PRO C 38 -11.43 -21.94 -20.64
C PRO C 38 -12.45 -23.02 -20.25
N GLU C 39 -13.03 -22.90 -19.07
CA GLU C 39 -14.00 -23.89 -18.60
C GLU C 39 -15.26 -23.92 -19.45
N LYS C 40 -15.55 -22.84 -20.17
CA LYS C 40 -16.74 -22.76 -20.98
C LYS C 40 -16.59 -23.45 -22.37
N VAL C 41 -15.42 -23.96 -22.70
CA VAL C 41 -15.27 -24.72 -23.91
C VAL C 41 -15.31 -26.20 -23.53
N PRO C 42 -16.23 -26.97 -24.11
CA PRO C 42 -16.41 -28.37 -23.74
C PRO C 42 -15.33 -29.25 -24.40
N VAL C 43 -14.12 -29.23 -23.85
CA VAL C 43 -13.02 -30.00 -24.39
C VAL C 43 -13.20 -31.50 -24.20
N SER C 44 -14.00 -31.92 -23.24
CA SER C 44 -14.18 -33.35 -22.99
C SER C 44 -14.77 -34.10 -24.21
N ASN C 45 -15.47 -33.40 -25.11
CA ASN C 45 -15.95 -33.99 -26.37
C ASN C 45 -14.88 -34.26 -27.41
N ASP C 46 -13.65 -33.88 -27.13
CA ASP C 46 -12.47 -34.30 -27.88
C ASP C 46 -11.83 -35.59 -27.36
N ILE C 47 -12.31 -36.18 -26.26
CA ILE C 47 -11.64 -37.38 -25.76
C ILE C 47 -11.56 -38.55 -26.78
N PRO C 48 -12.69 -38.93 -27.43
CA PRO C 48 -12.63 -39.90 -28.54
C PRO C 48 -11.58 -39.57 -29.62
N SER C 49 -11.54 -38.33 -30.15
CA SER C 49 -10.62 -38.03 -31.22
C SER C 49 -9.15 -37.94 -30.76
N TRP C 50 -8.92 -37.45 -29.53
CA TRP C 50 -7.57 -37.54 -28.97
C TRP C 50 -7.10 -38.99 -28.84
N GLY C 51 -8.00 -39.93 -28.52
CA GLY C 51 -7.68 -41.36 -28.52
C GLY C 51 -7.14 -41.91 -29.85
N THR C 52 -7.51 -41.30 -30.98
CA THR C 52 -7.09 -41.76 -32.30
C THR C 52 -5.69 -41.26 -32.70
N LEU C 53 -5.08 -40.35 -31.92
CA LEU C 53 -3.72 -39.90 -32.21
C LEU C 53 -2.68 -40.88 -31.68
N THR C 54 -1.57 -41.05 -32.40
CA THR C 54 -0.45 -41.88 -31.92
C THR C 54 0.29 -41.18 -30.75
N ALA C 55 1.10 -41.94 -30.02
CA ALA C 55 1.89 -41.35 -28.93
C ALA C 55 2.78 -40.18 -29.40
N GLY C 56 3.32 -40.26 -30.63
CA GLY C 56 4.16 -39.25 -31.23
C GLY C 56 3.39 -37.96 -31.56
N GLU C 57 2.17 -38.13 -32.07
CA GLU C 57 1.27 -37.00 -32.37
C GLU C 57 0.78 -36.30 -31.10
N LYS C 58 0.51 -37.07 -30.05
CA LYS C 58 0.09 -36.49 -28.80
C LYS C 58 1.24 -35.76 -28.13
N GLN C 59 2.45 -36.32 -28.20
CA GLN C 59 3.62 -35.67 -27.64
C GLN C 59 3.91 -34.33 -28.34
N LEU C 60 3.85 -34.34 -29.67
CA LEU C 60 4.08 -33.14 -30.44
C LEU C 60 3.07 -32.01 -30.03
N THR C 61 1.81 -32.39 -29.85
CA THR C 61 0.75 -31.42 -29.53
C THR C 61 0.93 -30.82 -28.13
N MET C 62 1.18 -31.69 -27.16
CA MET C 62 1.52 -31.28 -25.82
C MET C 62 2.76 -30.36 -25.77
N ARG C 63 3.82 -30.73 -26.46
CA ARG C 63 5.00 -29.89 -26.48
C ARG C 63 4.70 -28.51 -27.12
N VAL C 64 4.03 -28.50 -28.26
CA VAL C 64 3.67 -27.20 -28.87
C VAL C 64 2.82 -26.33 -27.93
N PHE C 65 1.85 -26.92 -27.24
CA PHE C 65 0.99 -26.24 -26.30
C PHE C 65 1.73 -25.75 -25.04
N THR C 66 2.78 -26.47 -24.65
CA THR C 66 3.59 -26.08 -23.52
C THR C 66 4.48 -24.89 -23.91
N GLY C 67 4.98 -24.89 -25.12
CA GLY C 67 5.70 -23.75 -25.56
C GLY C 67 4.85 -22.46 -25.61
N LEU C 68 3.65 -22.56 -26.12
CA LEU C 68 2.71 -21.47 -26.16
C LEU C 68 2.38 -20.97 -24.75
N THR C 69 2.24 -21.92 -23.83
CA THR C 69 1.96 -21.59 -22.42
C THR C 69 3.10 -20.73 -21.86
N MET C 70 4.32 -21.12 -22.18
CA MET C 70 5.48 -20.33 -21.77
C MET C 70 5.39 -18.87 -22.29
N LEU C 71 5.13 -18.70 -23.59
CA LEU C 71 5.02 -17.37 -24.17
C LEU C 71 3.90 -16.54 -23.51
N ASP C 72 2.77 -17.17 -23.14
CA ASP C 72 1.72 -16.41 -22.50
C ASP C 72 2.02 -16.05 -21.05
N THR C 73 2.77 -16.93 -20.36
CA THR C 73 3.25 -16.67 -19.03
C THR C 73 4.14 -15.45 -19.06
N ILE C 74 5.05 -15.37 -20.03
CA ILE C 74 5.94 -14.23 -20.23
C ILE C 74 5.17 -12.97 -20.57
N GLN C 75 4.21 -13.05 -21.49
CA GLN C 75 3.49 -11.88 -21.93
C GLN C 75 2.56 -11.29 -20.84
N GLY C 76 1.95 -12.11 -20.00
CA GLY C 76 1.01 -11.63 -19.04
C GLY C 76 1.66 -11.00 -17.81
N THR C 77 2.74 -11.62 -17.43
CA THR C 77 3.34 -11.47 -16.13
C THR C 77 4.59 -10.49 -16.30
N VAL C 78 5.20 -10.43 -17.50
CA VAL C 78 6.29 -9.50 -17.78
C VAL C 78 6.05 -8.58 -18.96
N GLY C 79 5.56 -9.12 -20.07
CA GLY C 79 5.47 -8.35 -21.29
C GLY C 79 4.50 -7.19 -21.19
N ALA C 80 3.24 -7.49 -20.97
CA ALA C 80 2.22 -6.46 -21.04
C ALA C 80 2.46 -5.49 -19.90
N VAL C 81 2.89 -5.96 -18.76
CA VAL C 81 3.07 -5.00 -17.67
C VAL C 81 4.23 -4.08 -17.89
N SER C 82 5.31 -4.57 -18.53
CA SER C 82 6.48 -3.70 -18.83
C SER C 82 6.17 -2.56 -19.81
N LEU C 83 5.04 -2.62 -20.52
CA LEU C 83 4.59 -1.56 -21.42
C LEU C 83 3.86 -0.44 -20.70
N ILE C 84 3.36 -0.73 -19.51
CA ILE C 84 2.52 0.24 -18.83
C ILE C 84 3.23 1.56 -18.61
N PRO C 85 4.50 1.60 -18.13
CA PRO C 85 5.24 2.86 -17.97
C PRO C 85 5.43 3.70 -19.22
N ASP C 86 5.25 3.10 -20.38
CA ASP C 86 5.49 3.81 -21.63
C ASP C 86 4.21 4.23 -22.31
N ALA C 87 3.05 4.10 -21.65
CA ALA C 87 1.80 4.45 -22.28
C ALA C 87 1.78 5.91 -22.71
N LEU C 88 1.15 6.18 -23.81
CA LEU C 88 0.91 7.52 -24.23
C LEU C 88 -0.29 8.15 -23.50
N THR C 89 -1.23 7.33 -23.05
CA THR C 89 -2.44 7.77 -22.38
C THR C 89 -2.75 6.91 -21.17
N PRO C 90 -3.51 7.44 -20.23
CA PRO C 90 -3.99 6.65 -19.09
C PRO C 90 -4.84 5.44 -19.52
N HIS C 91 -5.66 5.63 -20.51
CA HIS C 91 -6.57 4.60 -20.93
C HIS C 91 -5.85 3.37 -21.57
N GLU C 92 -4.71 3.61 -22.19
CA GLU C 92 -3.80 2.56 -22.69
C GLU C 92 -3.25 1.73 -21.54
N GLU C 93 -2.89 2.38 -20.47
CA GLU C 93 -2.50 1.63 -19.26
C GLU C 93 -3.57 0.69 -18.78
N ALA C 94 -4.81 1.15 -18.76
CA ALA C 94 -5.91 0.29 -18.42
C ALA C 94 -6.06 -0.90 -19.37
N VAL C 95 -6.00 -0.64 -20.67
CA VAL C 95 -6.10 -1.72 -21.68
C VAL C 95 -4.97 -2.73 -21.43
N LEU C 96 -3.76 -2.27 -21.09
CA LEU C 96 -2.63 -3.17 -20.83
C LEU C 96 -2.88 -4.09 -19.65
N THR C 97 -3.57 -3.61 -18.61
CA THR C 97 -3.98 -4.50 -17.49
C THR C 97 -4.95 -5.57 -17.98
N ASN C 98 -5.83 -5.24 -18.93
CA ASN C 98 -6.67 -6.31 -19.48
C ASN C 98 -5.85 -7.34 -20.28
N ILE C 99 -4.92 -6.87 -21.09
CA ILE C 99 -4.10 -7.77 -21.89
C ILE C 99 -3.26 -8.67 -20.97
N ALA C 100 -2.73 -8.15 -19.88
CA ALA C 100 -2.01 -8.98 -18.94
C ALA C 100 -2.88 -10.11 -18.39
N PHE C 101 -4.08 -9.76 -17.96
CA PHE C 101 -4.99 -10.73 -17.41
C PHE C 101 -5.33 -11.80 -18.45
N MET C 102 -5.69 -11.37 -19.66
CA MET C 102 -6.06 -12.32 -20.68
C MET C 102 -4.92 -13.24 -21.11
N GLU C 103 -3.66 -12.83 -21.02
CA GLU C 103 -2.56 -13.74 -21.28
C GLU C 103 -2.52 -14.82 -20.25
N SER C 104 -2.84 -14.49 -19.00
CA SER C 104 -2.94 -15.51 -17.95
C SER C 104 -4.09 -16.48 -18.24
N VAL C 105 -5.19 -15.96 -18.79
CA VAL C 105 -6.30 -16.81 -19.15
C VAL C 105 -5.88 -17.78 -20.26
N HIS C 106 -5.18 -17.27 -21.27
CA HIS C 106 -4.64 -18.09 -22.35
C HIS C 106 -3.71 -19.12 -21.83
N ALA C 107 -2.82 -18.76 -20.93
CA ALA C 107 -1.87 -19.77 -20.43
C ALA C 107 -2.63 -20.89 -19.70
N LYS C 108 -3.65 -20.51 -18.94
CA LYS C 108 -4.43 -21.48 -18.15
C LYS C 108 -5.27 -22.39 -19.06
N SER C 109 -5.64 -21.90 -20.25
CA SER C 109 -6.45 -22.72 -21.17
C SER C 109 -5.71 -23.97 -21.64
N TYR C 110 -4.41 -23.89 -21.82
CA TYR C 110 -3.64 -25.10 -22.11
C TYR C 110 -3.70 -26.11 -20.97
N SER C 111 -3.61 -25.66 -19.73
CA SER C 111 -3.75 -26.59 -18.60
C SER C 111 -5.15 -27.21 -18.51
N GLN C 112 -6.16 -26.50 -18.99
CA GLN C 112 -7.52 -27.02 -19.03
C GLN C 112 -7.65 -28.12 -20.09
N ILE C 113 -7.03 -27.91 -21.26
CA ILE C 113 -6.94 -28.94 -22.29
C ILE C 113 -6.22 -30.22 -21.76
N PHE C 114 -5.05 -30.05 -21.12
CA PHE C 114 -4.29 -31.15 -20.55
C PHE C 114 -5.03 -31.88 -19.44
N SER C 115 -5.65 -31.14 -18.58
CA SER C 115 -6.43 -31.72 -17.50
C SER C 115 -7.60 -32.61 -17.99
N THR C 116 -8.17 -32.29 -19.13
CA THR C 116 -9.31 -33.02 -19.68
C THR C 116 -8.89 -34.26 -20.52
N LEU C 117 -7.75 -34.19 -21.22
CA LEU C 117 -7.32 -35.17 -22.21
C LEU C 117 -6.15 -36.06 -21.82
N CYS C 118 -5.26 -35.59 -20.95
CA CYS C 118 -3.94 -36.19 -20.81
C CYS C 118 -3.68 -36.72 -19.43
N SER C 119 -2.65 -37.55 -19.31
CA SER C 119 -2.28 -38.10 -18.01
C SER C 119 -1.25 -37.20 -17.33
N THR C 120 -1.20 -37.27 -16.02
CA THR C 120 -0.18 -36.59 -15.22
C THR C 120 1.23 -36.82 -15.73
N ALA C 121 1.55 -38.07 -16.02
CA ALA C 121 2.87 -38.37 -16.54
C ALA C 121 3.14 -37.65 -17.89
N GLU C 122 2.16 -37.65 -18.80
CA GLU C 122 2.36 -36.95 -20.08
C GLU C 122 2.55 -35.43 -19.84
N ILE C 123 1.81 -34.86 -18.90
CA ILE C 123 1.91 -33.43 -18.63
C ILE C 123 3.26 -33.11 -18.07
N ASP C 124 3.67 -33.85 -17.05
CA ASP C 124 4.97 -33.62 -16.40
C ASP C 124 6.07 -33.72 -17.43
N ASP C 125 5.99 -34.69 -18.33
CA ASP C 125 7.02 -34.82 -19.37
C ASP C 125 6.96 -33.61 -20.34
N ALA C 126 5.75 -33.10 -20.68
CA ALA C 126 5.70 -31.92 -21.53
C ALA C 126 6.37 -30.70 -20.83
N PHE C 127 6.04 -30.47 -19.56
CA PHE C 127 6.68 -29.35 -18.83
C PHE C 127 8.20 -29.51 -18.71
N ARG C 128 8.67 -30.72 -18.46
CA ARG C 128 10.13 -30.94 -18.38
C ARG C 128 10.81 -30.69 -19.72
N TRP C 129 10.19 -31.15 -20.81
CA TRP C 129 10.73 -30.85 -22.13
C TRP C 129 10.86 -29.33 -22.30
N SER C 130 9.86 -28.55 -21.89
CA SER C 130 9.91 -27.10 -22.11
C SER C 130 11.02 -26.40 -21.34
N GLU C 131 11.30 -26.87 -20.14
CA GLU C 131 12.42 -26.39 -19.29
C GLU C 131 13.77 -26.63 -19.93
N GLU C 132 13.91 -27.72 -20.68
CA GLU C 132 15.22 -28.12 -21.21
C GLU C 132 15.44 -27.77 -22.67
N ASN C 133 14.40 -27.43 -23.42
CA ASN C 133 14.58 -27.25 -24.85
C ASN C 133 15.33 -25.94 -25.06
N ARG C 134 16.46 -26.00 -25.76
CA ARG C 134 17.34 -24.83 -25.94
C ARG C 134 16.66 -23.77 -26.81
N ASN C 135 15.90 -24.17 -27.83
CA ASN C 135 15.27 -23.16 -28.67
C ASN C 135 14.14 -22.41 -27.98
N LEU C 136 13.36 -23.10 -27.15
CA LEU C 136 12.32 -22.46 -26.41
C LEU C 136 12.91 -21.45 -25.37
N GLN C 137 13.97 -21.88 -24.68
CA GLN C 137 14.66 -21.05 -23.70
C GLN C 137 15.30 -19.87 -24.39
N ARG C 138 15.82 -20.04 -25.61
CA ARG C 138 16.47 -18.94 -26.30
C ARG C 138 15.42 -17.91 -26.69
N LYS C 139 14.25 -18.38 -27.15
CA LYS C 139 13.22 -17.44 -27.57
C LYS C 139 12.72 -16.65 -26.35
N ALA C 140 12.58 -17.30 -25.22
CA ALA C 140 12.26 -16.58 -23.98
C ALA C 140 13.31 -15.54 -23.63
N GLU C 141 14.60 -15.88 -23.74
CA GLU C 141 15.66 -14.95 -23.34
C GLU C 141 15.66 -13.69 -24.20
N ILE C 142 15.51 -13.86 -25.50
CA ILE C 142 15.51 -12.76 -26.43
C ILE C 142 14.38 -11.77 -26.11
N VAL C 143 13.14 -12.23 -25.95
CA VAL C 143 12.08 -11.27 -25.63
C VAL C 143 12.22 -10.67 -24.21
N LEU C 144 12.58 -11.50 -23.25
CA LEU C 144 12.78 -11.02 -21.88
C LEU C 144 13.85 -9.93 -21.81
N GLN C 145 14.95 -10.08 -22.55
CA GLN C 145 16.00 -9.07 -22.57
C GLN C 145 15.47 -7.71 -23.11
N SER C 146 14.67 -7.75 -24.17
CA SER C 146 14.05 -6.55 -24.65
C SER C 146 13.04 -5.93 -23.65
N TYR C 147 12.19 -6.75 -23.04
CA TYR C 147 11.21 -6.26 -22.06
C TYR C 147 11.86 -5.64 -20.84
N ARG C 148 13.03 -6.11 -20.45
CA ARG C 148 13.65 -5.67 -19.21
C ARG C 148 14.65 -4.56 -19.49
N GLY C 149 14.93 -4.26 -20.77
CA GLY C 149 15.89 -3.21 -21.15
C GLY C 149 15.28 -1.83 -20.95
N ASP C 150 15.93 -0.77 -21.46
CA ASP C 150 15.45 0.58 -21.21
C ASP C 150 15.11 1.38 -22.45
N GLU C 151 14.69 0.70 -23.51
CA GLU C 151 14.29 1.37 -24.74
C GLU C 151 12.81 1.01 -25.06
N PRO C 152 11.88 1.91 -24.75
CA PRO C 152 10.43 1.67 -24.93
C PRO C 152 9.97 1.12 -26.30
N LEU C 153 10.42 1.74 -27.38
CA LEU C 153 9.99 1.36 -28.72
C LEU C 153 10.48 -0.01 -29.10
N LYS C 154 11.71 -0.35 -28.70
CA LYS C 154 12.24 -1.67 -29.00
C LYS C 154 11.44 -2.70 -28.24
N ARG C 155 10.95 -2.36 -27.05
CA ARG C 155 10.11 -3.27 -26.31
C ARG C 155 8.78 -3.56 -27.01
N LYS C 156 8.22 -2.57 -27.67
CA LYS C 156 6.99 -2.80 -28.43
C LYS C 156 7.29 -3.60 -29.72
N VAL C 157 8.48 -3.47 -30.28
CA VAL C 157 8.89 -4.29 -31.42
C VAL C 157 8.86 -5.74 -30.95
N ALA C 158 9.51 -6.01 -29.81
CA ALA C 158 9.58 -7.38 -29.32
C ALA C 158 8.22 -7.96 -29.01
N SER C 159 7.35 -7.13 -28.46
CA SER C 159 6.01 -7.58 -28.03
C SER C 159 5.16 -7.96 -29.24
N THR C 160 5.26 -7.14 -30.28
CA THR C 160 4.46 -7.36 -31.49
C THR C 160 4.94 -8.61 -32.22
N LEU C 161 6.26 -8.82 -32.24
CA LEU C 161 6.88 -10.06 -32.74
C LEU C 161 6.47 -11.25 -31.90
N LEU C 162 6.32 -11.09 -30.60
CA LEU C 162 5.83 -12.19 -29.81
C LEU C 162 4.35 -12.46 -30.19
N GLU C 163 3.51 -11.46 -30.27
CA GLU C 163 2.09 -11.69 -30.45
C GLU C 163 1.83 -12.21 -31.87
N SER C 164 2.40 -11.53 -32.89
CA SER C 164 2.05 -11.75 -34.28
C SER C 164 2.95 -12.75 -35.03
N PHE C 165 4.10 -13.10 -34.47
CA PHE C 165 5.04 -14.03 -35.12
C PHE C 165 5.22 -15.35 -34.32
N LEU C 166 5.79 -15.27 -33.13
CA LEU C 166 6.06 -16.45 -32.31
C LEU C 166 4.85 -17.21 -31.89
N PHE C 167 3.83 -16.50 -31.48
CA PHE C 167 2.66 -17.13 -30.94
C PHE C 167 1.85 -17.79 -32.00
N TYR C 168 1.48 -16.92 -32.96
CA TYR C 168 0.68 -17.26 -34.16
C TYR C 168 1.21 -18.49 -34.89
N SER C 169 2.50 -18.69 -34.78
CA SER C 169 3.10 -19.79 -35.48
C SER C 169 2.77 -21.11 -34.85
N GLY C 170 2.68 -21.22 -33.51
CA GLY C 170 2.27 -22.47 -32.83
C GLY C 170 0.80 -22.83 -32.96
N PHE C 171 0.04 -21.94 -33.52
CA PHE C 171 -1.34 -22.22 -33.82
C PHE C 171 -1.54 -23.11 -35.06
N TYR C 172 -0.48 -23.34 -35.84
CA TYR C 172 -0.53 -24.25 -37.00
C TYR C 172 -1.16 -25.59 -36.64
N LEU C 173 -0.61 -26.26 -35.65
CA LEU C 173 -1.03 -27.58 -35.35
C LEU C 173 -2.52 -27.74 -34.95
N PRO C 174 -3.07 -26.99 -34.00
CA PRO C 174 -4.49 -27.19 -33.69
C PRO C 174 -5.39 -26.98 -34.91
N MET C 175 -4.97 -26.10 -35.79
CA MET C 175 -5.68 -25.87 -37.06
C MET C 175 -5.46 -27.02 -38.08
N TYR C 176 -4.27 -27.61 -38.11
CA TYR C 176 -4.08 -28.83 -38.87
C TYR C 176 -4.98 -29.96 -38.32
N TRP C 177 -5.09 -30.10 -37.01
CA TRP C 177 -5.95 -31.18 -36.56
C TRP C 177 -7.40 -30.87 -36.90
N SER C 178 -7.83 -29.64 -36.66
CA SER C 178 -9.22 -29.23 -36.92
C SER C 178 -9.65 -29.54 -38.39
N SER C 179 -8.74 -29.31 -39.32
CA SER C 179 -8.98 -29.51 -40.75
C SER C 179 -9.06 -30.97 -41.14
N ARG C 180 -8.57 -31.86 -40.28
CA ARG C 180 -8.77 -33.29 -40.39
C ARG C 180 -9.88 -33.80 -39.44
N ALA C 181 -10.82 -32.92 -39.09
CA ALA C 181 -11.90 -33.31 -38.20
C ALA C 181 -11.41 -33.86 -36.83
N LYS C 182 -10.23 -33.46 -36.36
CA LYS C 182 -9.74 -33.85 -35.05
C LYS C 182 -9.61 -32.67 -34.09
N LEU C 183 -9.95 -32.94 -32.85
CA LEU C 183 -9.73 -32.04 -31.74
C LEU C 183 -10.39 -30.72 -32.03
N THR C 184 -11.67 -30.77 -32.37
CA THR C 184 -12.39 -29.60 -32.84
C THR C 184 -12.72 -28.66 -31.72
N ASN C 185 -12.89 -29.16 -30.51
CA ASN C 185 -13.21 -28.28 -29.36
C ASN C 185 -11.96 -27.57 -28.85
N THR C 186 -10.83 -28.28 -28.84
CA THR C 186 -9.56 -27.65 -28.61
C THR C 186 -9.35 -26.52 -29.63
N ALA C 187 -9.73 -26.76 -30.88
CA ALA C 187 -9.52 -25.75 -31.90
C ALA C 187 -10.36 -24.51 -31.61
N ASP C 188 -11.57 -24.71 -31.13
CA ASP C 188 -12.44 -23.59 -30.71
C ASP C 188 -11.78 -22.73 -29.57
N MET C 189 -11.14 -23.40 -28.61
CA MET C 189 -10.41 -22.71 -27.51
C MET C 189 -9.33 -21.89 -28.13
N ILE C 190 -8.63 -22.47 -29.10
CA ILE C 190 -7.49 -21.76 -29.69
C ILE C 190 -7.98 -20.56 -30.51
N ARG C 191 -9.21 -20.61 -31.04
CA ARG C 191 -9.72 -19.52 -31.85
C ARG C 191 -10.11 -18.37 -30.95
N LEU C 192 -10.44 -18.67 -29.69
CA LEU C 192 -10.69 -17.62 -28.71
C LEU C 192 -9.40 -16.87 -28.36
N ILE C 193 -8.29 -17.60 -28.25
CA ILE C 193 -6.97 -17.04 -28.05
C ILE C 193 -6.52 -16.20 -29.27
N ILE C 194 -6.70 -16.71 -30.48
CA ILE C 194 -6.33 -15.93 -31.65
C ILE C 194 -7.13 -14.64 -31.72
N ARG C 195 -8.43 -14.71 -31.45
CA ARG C 195 -9.27 -13.51 -31.52
C ARG C 195 -8.71 -12.38 -30.59
N ASP C 196 -8.11 -12.78 -29.46
CA ASP C 196 -7.42 -11.80 -28.61
C ASP C 196 -6.10 -11.42 -29.21
N GLU C 197 -5.32 -12.38 -29.61
CA GLU C 197 -3.97 -12.13 -30.03
C GLU C 197 -3.94 -11.20 -31.29
N ALA C 198 -4.95 -11.26 -32.15
CA ALA C 198 -4.96 -10.41 -33.36
C ALA C 198 -5.13 -8.93 -32.97
N VAL C 199 -6.04 -8.68 -32.03
CA VAL C 199 -6.16 -7.35 -31.44
C VAL C 199 -4.89 -6.86 -30.70
N HIS C 200 -4.29 -7.70 -29.84
CA HIS C 200 -3.08 -7.30 -29.09
C HIS C 200 -1.99 -6.87 -30.02
N GLY C 201 -1.73 -7.69 -31.03
CA GLY C 201 -0.64 -7.37 -31.98
C GLY C 201 -0.93 -6.08 -32.76
N TYR C 202 -2.20 -5.90 -33.16
CA TYR C 202 -2.64 -4.71 -33.84
C TYR C 202 -2.45 -3.45 -32.96
N TYR C 203 -2.86 -3.54 -31.69
CA TYR C 203 -2.87 -2.41 -30.78
C TYR C 203 -1.51 -2.00 -30.38
N ILE C 204 -0.69 -2.97 -30.03
CA ILE C 204 0.66 -2.65 -29.62
C ILE C 204 1.44 -2.12 -30.79
N GLY C 205 1.22 -2.70 -31.96
CA GLY C 205 1.88 -2.16 -33.17
C GLY C 205 1.42 -0.75 -33.54
N TYR C 206 0.11 -0.49 -33.40
CA TYR C 206 -0.41 0.87 -33.47
C TYR C 206 0.27 1.87 -32.52
N LYS C 207 0.49 1.47 -31.28
CA LYS C 207 1.04 2.40 -30.34
C LYS C 207 2.49 2.60 -30.69
N PHE C 208 3.14 1.55 -31.17
CA PHE C 208 4.49 1.68 -31.70
C PHE C 208 4.55 2.75 -32.80
N GLN C 209 3.63 2.70 -33.72
CA GLN C 209 3.67 3.68 -34.85
C GLN C 209 3.43 5.09 -34.32
N ARG C 210 2.54 5.27 -33.35
CA ARG C 210 2.34 6.61 -32.74
C ARG C 210 3.58 7.09 -32.03
N GLY C 211 4.32 6.16 -31.41
CA GLY C 211 5.57 6.50 -30.76
C GLY C 211 6.67 6.90 -31.72
N LEU C 212 6.71 6.17 -32.84
CA LEU C 212 7.69 6.42 -33.90
C LEU C 212 7.57 7.81 -34.50
N ALA C 213 6.34 8.31 -34.67
CA ALA C 213 6.13 9.63 -35.27
C ALA C 213 6.65 10.81 -34.46
N LEU C 214 6.91 10.60 -33.17
CA LEU C 214 7.42 11.58 -32.24
C LEU C 214 8.95 11.56 -32.07
N VAL C 215 9.66 10.66 -32.75
CA VAL C 215 11.13 10.63 -32.72
C VAL C 215 11.71 11.19 -34.04
N ASP C 216 13.00 11.50 -34.04
CA ASP C 216 13.68 11.96 -35.27
C ASP C 216 13.99 10.85 -36.29
N ASP C 217 14.51 11.24 -37.44
CA ASP C 217 14.86 10.34 -38.55
C ASP C 217 15.84 9.23 -38.22
N VAL C 218 16.88 9.60 -37.46
CA VAL C 218 17.93 8.72 -37.02
C VAL C 218 17.36 7.60 -36.13
N THR C 219 16.59 8.00 -35.11
CA THR C 219 15.97 7.02 -34.22
C THR C 219 15.05 6.07 -34.99
N ARG C 220 14.29 6.63 -35.91
CA ARG C 220 13.43 5.85 -36.75
C ARG C 220 14.19 4.79 -37.60
N ALA C 221 15.30 5.18 -38.22
CA ALA C 221 16.11 4.24 -38.99
C ALA C 221 16.68 3.15 -38.04
N GLU C 222 17.06 3.56 -36.83
CA GLU C 222 17.59 2.63 -35.82
C GLU C 222 16.55 1.55 -35.49
N LEU C 223 15.28 1.95 -35.48
CA LEU C 223 14.22 1.05 -35.09
C LEU C 223 13.84 0.11 -36.16
N LYS C 224 13.97 0.55 -37.41
CA LYS C 224 13.71 -0.34 -38.52
C LYS C 224 14.86 -1.38 -38.58
N ASP C 225 16.09 -0.94 -38.35
CA ASP C 225 17.19 -1.87 -38.35
C ASP C 225 16.92 -2.90 -37.30
N TYR C 226 16.57 -2.44 -36.08
CA TYR C 226 16.38 -3.35 -34.92
C TYR C 226 15.24 -4.29 -35.22
N THR C 227 14.21 -3.81 -35.87
CA THR C 227 13.09 -4.71 -36.13
C THR C 227 13.53 -5.91 -36.96
N TYR C 228 14.33 -5.65 -37.99
CA TYR C 228 14.78 -6.71 -38.90
C TYR C 228 15.71 -7.62 -38.20
N GLU C 229 16.61 -7.08 -37.39
CA GLU C 229 17.57 -7.87 -36.64
C GLU C 229 16.91 -8.85 -35.68
N LEU C 230 15.91 -8.36 -34.96
CA LEU C 230 15.26 -9.18 -33.93
C LEU C 230 14.36 -10.16 -34.63
N LEU C 231 13.76 -9.71 -35.73
CA LEU C 231 12.92 -10.61 -36.48
C LEU C 231 13.75 -11.84 -36.93
N PHE C 232 14.89 -11.61 -37.56
CA PHE C 232 15.70 -12.74 -38.09
C PHE C 232 16.45 -13.52 -37.02
N GLU C 233 16.70 -12.92 -35.88
CA GLU C 233 17.23 -13.67 -34.75
C GLU C 233 16.15 -14.63 -34.23
N LEU C 234 14.95 -14.12 -33.99
CA LEU C 234 13.84 -14.98 -33.63
C LEU C 234 13.50 -16.03 -34.69
N TYR C 235 13.53 -15.65 -35.97
CA TYR C 235 13.09 -16.50 -37.09
C TYR C 235 14.04 -17.72 -37.22
N ASP C 236 15.33 -17.43 -37.25
CA ASP C 236 16.39 -18.45 -37.20
C ASP C 236 16.16 -19.46 -36.09
N ASN C 237 16.00 -18.99 -34.85
CA ASN C 237 15.73 -19.87 -33.72
C ASN C 237 14.38 -20.59 -33.90
N GLU C 238 13.38 -19.90 -34.45
CA GLU C 238 12.06 -20.54 -34.62
C GLU C 238 12.09 -21.70 -35.64
N VAL C 239 12.91 -21.57 -36.69
CA VAL C 239 13.07 -22.62 -37.68
C VAL C 239 13.67 -23.87 -37.06
N GLU C 240 14.66 -23.68 -36.21
CA GLU C 240 15.32 -24.80 -35.53
C GLU C 240 14.32 -25.52 -34.57
N TYR C 241 13.47 -24.74 -33.93
CA TYR C 241 12.44 -25.23 -33.01
C TYR C 241 11.39 -26.00 -33.79
N THR C 242 11.00 -25.42 -34.92
CA THR C 242 10.06 -26.02 -35.84
C THR C 242 10.53 -27.39 -36.42
N GLN C 243 11.76 -27.45 -36.92
CA GLN C 243 12.42 -28.69 -37.41
C GLN C 243 12.38 -29.80 -36.39
N ASP C 244 12.87 -29.53 -35.18
CA ASP C 244 12.91 -30.58 -34.18
C ASP C 244 11.52 -31.08 -33.80
N LEU C 245 10.47 -30.28 -33.94
CA LEU C 245 9.14 -30.71 -33.53
C LEU C 245 8.42 -31.41 -34.66
N TYR C 246 8.46 -30.79 -35.82
CA TYR C 246 7.57 -31.20 -36.90
C TYR C 246 8.21 -32.15 -37.96
N ASP C 247 9.52 -32.41 -37.92
CA ASP C 247 10.22 -33.16 -38.98
C ASP C 247 9.62 -34.54 -39.13
N GLU C 248 9.46 -35.22 -38.03
CA GLU C 248 8.96 -36.57 -38.07
C GLU C 248 7.52 -36.76 -38.58
N VAL C 249 6.58 -35.86 -38.32
CA VAL C 249 5.26 -36.00 -38.93
C VAL C 249 5.24 -35.36 -40.31
N GLY C 250 6.37 -34.78 -40.74
CA GLY C 250 6.51 -34.23 -42.08
C GLY C 250 5.88 -32.88 -42.38
N LEU C 251 5.66 -32.05 -41.38
CA LEU C 251 4.98 -30.78 -41.56
C LEU C 251 5.93 -29.57 -41.60
N THR C 252 7.22 -29.81 -41.52
CA THR C 252 8.18 -28.72 -41.34
C THR C 252 8.09 -27.60 -42.41
N GLU C 253 8.15 -28.00 -43.69
CA GLU C 253 8.17 -27.04 -44.77
C GLU C 253 6.93 -26.20 -44.86
N ASP C 254 5.75 -26.78 -44.58
CA ASP C 254 4.53 -25.99 -44.58
C ASP C 254 4.46 -25.03 -43.35
N VAL C 255 5.00 -25.47 -42.21
CA VAL C 255 5.03 -24.61 -41.03
C VAL C 255 5.98 -23.43 -41.28
N LYS C 256 7.10 -23.70 -41.94
CA LYS C 256 8.05 -22.65 -42.31
C LYS C 256 7.43 -21.63 -43.24
N LYS C 257 6.49 -22.04 -44.09
CA LYS C 257 5.75 -21.08 -44.89
C LYS C 257 4.81 -20.22 -44.04
N PHE C 258 4.20 -20.85 -43.05
CA PHE C 258 3.34 -20.20 -42.08
C PHE C 258 4.16 -19.20 -41.25
N LEU C 259 5.41 -19.53 -40.91
CA LEU C 259 6.29 -18.61 -40.19
C LEU C 259 6.57 -17.36 -41.04
N ARG C 260 6.84 -17.57 -42.34
CA ARG C 260 7.08 -16.45 -43.22
C ARG C 260 5.80 -15.59 -43.33
N TYR C 261 4.65 -16.22 -43.36
CA TYR C 261 3.37 -15.55 -43.53
C TYR C 261 3.16 -14.63 -42.32
N ASN C 262 3.51 -15.16 -41.17
CA ASN C 262 3.31 -14.45 -39.91
C ASN C 262 4.32 -13.37 -39.63
N ALA C 263 5.55 -13.56 -40.08
CA ALA C 263 6.58 -12.53 -40.03
C ALA C 263 6.11 -11.29 -40.79
N ASN C 264 5.42 -11.50 -41.90
CA ASN C 264 4.96 -10.39 -42.74
C ASN C 264 3.90 -9.67 -41.95
N LYS C 265 3.04 -10.45 -41.33
CA LYS C 265 1.97 -9.89 -40.53
C LYS C 265 2.50 -9.08 -39.33
N ALA C 266 3.55 -9.56 -38.67
CA ALA C 266 4.19 -8.80 -37.58
C ALA C 266 4.77 -7.46 -38.08
N LEU C 267 5.44 -7.52 -39.22
CA LEU C 267 6.02 -6.35 -39.81
C LEU C 267 4.97 -5.33 -40.16
N MET C 268 3.82 -5.78 -40.64
CA MET C 268 2.80 -4.85 -41.10
C MET C 268 2.10 -4.22 -39.91
N ASN C 269 1.95 -4.99 -38.82
CA ASN C 269 1.38 -4.45 -37.59
C ASN C 269 2.22 -3.31 -37.03
N LEU C 270 3.51 -3.36 -37.29
CA LEU C 270 4.48 -2.31 -36.89
C LEU C 270 4.59 -1.15 -37.90
N GLY C 271 3.90 -1.28 -39.02
CA GLY C 271 3.85 -0.28 -40.10
C GLY C 271 4.91 -0.48 -41.19
N TYR C 272 5.67 -1.60 -41.16
CA TYR C 272 6.66 -1.88 -42.18
C TYR C 272 6.00 -2.73 -43.24
N GLU C 273 6.70 -2.89 -44.35
CA GLU C 273 6.24 -3.66 -45.49
C GLU C 273 6.44 -5.12 -45.29
N ALA C 274 5.57 -5.92 -45.91
CA ALA C 274 5.74 -7.37 -45.98
C ALA C 274 7.07 -7.65 -46.66
N LEU C 275 7.83 -8.63 -46.17
CA LEU C 275 9.14 -8.96 -46.69
C LEU C 275 9.08 -10.13 -47.72
N PHE C 276 8.42 -11.21 -47.33
CA PHE C 276 8.28 -12.38 -48.16
C PHE C 276 7.10 -12.29 -49.11
N PRO C 277 7.33 -12.47 -50.42
CA PRO C 277 6.24 -12.37 -51.38
C PRO C 277 5.31 -13.54 -51.24
N ARG C 278 4.17 -13.32 -51.85
CA ARG C 278 2.96 -14.04 -51.61
C ARG C 278 3.08 -15.51 -51.97
N ASP C 279 3.86 -15.80 -53.01
CA ASP C 279 4.04 -17.18 -53.49
C ASP C 279 5.09 -18.01 -52.72
N GLU C 280 5.65 -17.44 -51.65
CA GLU C 280 6.53 -18.14 -50.71
C GLU C 280 5.90 -18.23 -49.31
N THR C 281 4.69 -17.70 -49.12
CA THR C 281 3.95 -17.76 -47.86
C THR C 281 2.61 -18.48 -48.04
N ASP C 282 2.55 -19.36 -49.02
CA ASP C 282 1.32 -19.96 -49.54
C ASP C 282 1.05 -21.20 -48.75
N VAL C 283 0.44 -21.01 -47.57
CA VAL C 283 0.07 -22.08 -46.65
C VAL C 283 -1.12 -22.89 -47.14
N ASN C 284 -1.08 -24.20 -46.91
CA ASN C 284 -2.22 -25.07 -47.17
C ASN C 284 -3.51 -24.30 -46.85
N PRO C 285 -4.37 -24.07 -47.86
CA PRO C 285 -5.64 -23.34 -47.66
C PRO C 285 -6.52 -23.80 -46.52
N ALA C 286 -6.48 -25.06 -46.14
CA ALA C 286 -7.33 -25.58 -45.05
C ALA C 286 -6.96 -24.95 -43.69
N ILE C 287 -5.66 -24.80 -43.46
CA ILE C 287 -5.12 -24.11 -42.28
C ILE C 287 -5.66 -22.70 -42.20
N LEU C 288 -5.57 -21.92 -43.28
CA LEU C 288 -6.16 -20.55 -43.32
C LEU C 288 -7.70 -20.47 -43.08
N SER C 289 -8.48 -21.47 -43.54
CA SER C 289 -9.94 -21.51 -43.27
C SER C 289 -10.16 -21.54 -41.74
N ALA C 290 -9.49 -22.52 -41.12
CA ALA C 290 -9.64 -22.82 -39.69
C ALA C 290 -9.29 -21.65 -38.77
N LEU C 291 -8.60 -20.62 -39.26
CA LEU C 291 -8.61 -19.34 -38.57
C LEU C 291 -9.68 -18.53 -39.30
FE FE D . -10.55 -1.67 -6.61
FE FE E . -8.47 -4.08 -4.99
C1 CIT F . 10.62 -6.74 3.15
O1 CIT F . 10.53 -7.32 2.08
O2 CIT F . 9.87 -5.75 3.52
C2 CIT F . 11.73 -7.32 3.96
C3 CIT F . 12.88 -6.33 4.07
O7 CIT F . 13.14 -5.67 2.78
C4 CIT F . 14.12 -7.23 4.40
C5 CIT F . 15.09 -6.57 5.35
O3 CIT F . 15.43 -5.39 5.09
O4 CIT F . 15.52 -7.16 6.40
C6 CIT F . 12.34 -5.23 5.05
O5 CIT F . 11.68 -5.46 6.12
O6 CIT F . 12.51 -4.01 4.75
C1 GOL G . -13.65 24.04 -2.27
O1 GOL G . -14.14 24.07 -3.61
C2 GOL G . -12.12 24.01 -2.36
O2 GOL G . -11.69 24.37 -3.65
C3 GOL G . -11.52 22.63 -2.14
O3 GOL G . -11.50 22.36 -0.75
FE FE H . 10.09 18.40 33.67
FE FE I . 6.50 18.04 34.15
C1 CIT J . -12.28 21.45 24.89
O1 CIT J . -11.15 21.10 24.51
O2 CIT J . -12.37 21.95 26.06
C2 CIT J . -13.42 21.15 23.87
C3 CIT J . -14.39 22.26 23.34
O7 CIT J . -15.55 22.40 24.24
C4 CIT J . -15.03 21.82 21.99
C5 CIT J . -15.50 22.89 21.00
O3 CIT J . -14.72 23.67 20.38
O4 CIT J . -16.73 22.99 20.76
C6 CIT J . -13.58 23.56 23.17
O5 CIT J . -12.66 23.57 22.29
O6 CIT J . -13.78 24.61 23.86
C1 GOL K . 25.05 16.00 12.28
O1 GOL K . 25.90 17.12 12.39
C2 GOL K . 23.66 16.47 11.86
O2 GOL K . 23.30 17.70 12.49
C3 GOL K . 22.61 15.38 12.20
O3 GOL K . 23.29 14.15 12.37
FE FE L . -2.00 -14.91 -25.39
FE FE M . -1.46 -11.49 -26.56
C1 CIT N . 13.13 3.67 -27.64
O1 CIT N . 12.10 4.26 -28.01
O2 CIT N . 13.33 2.48 -28.00
C2 CIT N . 14.12 4.44 -26.79
C3 CIT N . 15.42 4.74 -27.53
O7 CIT N . 16.48 4.43 -26.57
C4 CIT N . 15.46 6.22 -27.92
C5 CIT N . 16.86 6.66 -28.32
O3 CIT N . 17.84 6.35 -27.59
O4 CIT N . 17.06 7.33 -29.37
C6 CIT N . 15.53 3.80 -28.75
O5 CIT N . 14.83 3.98 -29.78
O6 CIT N . 16.29 2.81 -28.80
C1 GOL O . 12.99 -36.43 -25.79
O1 GOL O . 13.52 -35.46 -24.93
C2 GOL O . 13.34 -35.94 -27.19
O2 GOL O . 13.24 -34.53 -27.20
C3 GOL O . 12.51 -36.54 -28.35
O3 GOL O . 11.59 -37.53 -27.91
#